data_6A8I
#
_entry.id   6A8I
#
_cell.length_a   45.809
_cell.length_b   92.260
_cell.length_c   78.673
_cell.angle_alpha   90.00
_cell.angle_beta   91.52
_cell.angle_gamma   90.00
#
_symmetry.space_group_name_H-M   'P 1 21 1'
#
loop_
_entity.id
_entity.type
_entity.pdbx_description
1 polymer endo-alpha-(1->5)-L-arabinanase
2 branched alpha-L-arabinofuranose-(1-5)-alpha-L-arabinofuranose-(1-5)-alpha-L-arabinofuranose-(1-5)-alpha-L-arabinofuranose-(1-5)-alpha-L-arabinofuranose-(1-5)-alpha-L-arabinofuranose
3 non-polymer 'CALCIUM ION'
4 water water
#
_entity_poly.entity_id   1
_entity_poly.type   'polypeptide(L)'
_entity_poly.pdbx_seq_one_letter_code
;MVHFHPFGNVNFYEMDWSLKGDLWAHDPVIAKEGSRWYVFHTGSGIQIKTSEDGVHWENMGRVFPSLPDWCKQYVPEKDE
DHLWAPDICFYNGIYYLYYSVSTFGKNTSVIGLATNRTLDPRDPDYEWKDMGPVIHSTASDNYNAINPNVVFDQEGQPWL
SFGSFWSGIQLIQLDTETMKPAAQAELLTIASRGEEPNAIEAPFIVCRNGYYYLFVSFDFCCRGIESTYKIAVGRSKDIT
GPYVDKNGVSMMQGGGTILDAGNDRWIGPGHCAVYFSGVSAILVNHAYDALKNGEPTLQIRPLYWDDEGWPYLLEHHHHH
H
;
_entity_poly.pdbx_strand_id   A,B
#
loop_
_chem_comp.id
_chem_comp.type
_chem_comp.name
_chem_comp.formula
AHR L-saccharide, alpha linking alpha-L-arabinofuranose 'C5 H10 O5'
CA non-polymer 'CALCIUM ION' 'Ca 2'
#
# COMPACT_ATOMS: atom_id res chain seq x y z
N VAL A 2 -28.83 -7.96 -20.82
CA VAL A 2 -28.01 -7.64 -19.63
C VAL A 2 -28.66 -6.51 -18.83
N HIS A 3 -28.96 -6.80 -17.58
CA HIS A 3 -29.53 -5.87 -16.63
C HIS A 3 -28.41 -5.18 -15.88
N PHE A 4 -27.70 -4.31 -16.59
CA PHE A 4 -26.52 -3.69 -16.04
C PHE A 4 -26.85 -2.46 -15.19
N HIS A 5 -28.05 -1.91 -15.33
CA HIS A 5 -28.55 -0.87 -14.45
C HIS A 5 -29.89 -1.22 -13.83
N PRO A 6 -29.93 -2.16 -12.87
CA PRO A 6 -31.20 -2.66 -12.28
C PRO A 6 -31.85 -1.81 -11.25
N PHE A 7 -33.18 -1.75 -11.30
CA PHE A 7 -33.95 -0.98 -10.35
C PHE A 7 -35.16 -1.71 -9.74
N GLY A 8 -35.35 -2.96 -10.12
CA GLY A 8 -36.37 -3.78 -9.48
C GLY A 8 -37.76 -3.57 -10.11
N ASN A 9 -38.80 -3.69 -9.29
CA ASN A 9 -40.19 -3.50 -9.80
C ASN A 9 -40.52 -2.02 -9.91
N VAL A 10 -39.64 -1.18 -9.35
CA VAL A 10 -39.77 0.27 -9.27
C VAL A 10 -40.40 0.90 -10.51
N ASN A 11 -41.41 1.72 -10.33
CA ASN A 11 -42.00 2.44 -11.48
C ASN A 11 -41.72 3.91 -11.36
N PHE A 12 -40.85 4.41 -12.22
CA PHE A 12 -40.33 5.77 -12.03
C PHE A 12 -41.42 6.78 -12.27
N TYR A 13 -42.41 6.43 -13.11
CA TYR A 13 -43.53 7.33 -13.40
C TYR A 13 -44.56 7.42 -12.23
N GLU A 14 -44.49 6.53 -11.26
CA GLU A 14 -45.31 6.65 -10.08
C GLU A 14 -44.67 7.38 -8.95
N MET A 15 -43.43 7.80 -9.11
CA MET A 15 -42.75 8.50 -8.02
C MET A 15 -42.80 9.97 -8.30
N ASP A 16 -42.94 10.77 -7.24
CA ASP A 16 -42.90 12.23 -7.32
C ASP A 16 -41.47 12.68 -6.98
N TRP A 17 -40.82 13.25 -7.97
CA TRP A 17 -39.39 13.50 -7.93
C TRP A 17 -39.15 14.94 -7.47
N SER A 18 -39.69 15.28 -6.29
CA SER A 18 -39.38 16.51 -5.61
C SER A 18 -38.22 16.15 -4.70
N LEU A 19 -37.02 16.38 -5.18
CA LEU A 19 -35.80 15.98 -4.48
C LEU A 19 -35.58 16.83 -3.26
N LYS A 20 -35.06 16.21 -2.21
CA LYS A 20 -34.79 16.87 -0.94
C LYS A 20 -33.47 16.39 -0.35
N GLY A 21 -32.86 17.26 0.43
CA GLY A 21 -31.73 16.91 1.26
C GLY A 21 -30.42 17.49 0.72
N ASP A 22 -29.38 16.65 0.71
CA ASP A 22 -28.10 17.07 0.20
C ASP A 22 -28.03 16.95 -1.32
N LEU A 23 -28.30 18.03 -2.05
CA LEU A 23 -28.44 17.96 -3.52
C LEU A 23 -27.30 18.54 -4.33
N TRP A 24 -26.21 18.91 -3.68
CA TRP A 24 -25.18 19.57 -4.43
C TRP A 24 -24.35 18.49 -5.11
N ALA A 25 -24.15 18.63 -6.41
CA ALA A 25 -23.52 17.56 -7.18
C ALA A 25 -23.27 18.00 -8.59
N HIS A 26 -22.25 17.42 -9.20
CA HIS A 26 -22.08 17.47 -10.65
C HIS A 26 -21.58 16.15 -11.16
N ASP A 27 -21.99 15.82 -12.38
CA ASP A 27 -21.72 14.60 -13.08
C ASP A 27 -22.22 13.33 -12.38
N PRO A 28 -23.54 13.24 -12.14
CA PRO A 28 -24.12 12.20 -11.30
C PRO A 28 -24.47 10.99 -12.08
N VAL A 29 -24.26 9.83 -11.47
CA VAL A 29 -24.92 8.61 -11.93
C VAL A 29 -25.67 8.02 -10.70
N ILE A 30 -26.59 7.10 -10.99
CA ILE A 30 -27.34 6.39 -10.00
C ILE A 30 -27.31 4.90 -10.14
N ALA A 31 -27.31 4.24 -8.98
CA ALA A 31 -27.53 2.80 -8.88
C ALA A 31 -28.43 2.47 -7.64
N LYS A 32 -29.07 1.31 -7.69
CA LYS A 32 -29.89 0.81 -6.59
C LYS A 32 -29.47 -0.62 -6.21
N GLU A 33 -29.20 -0.82 -4.91
CA GLU A 33 -28.88 -2.13 -4.41
C GLU A 33 -29.75 -2.34 -3.20
N GLY A 34 -30.50 -3.45 -3.19
CA GLY A 34 -31.49 -3.58 -2.16
C GLY A 34 -32.54 -2.52 -2.31
N SER A 35 -32.91 -1.89 -1.20
CA SER A 35 -33.85 -0.81 -1.21
C SER A 35 -33.13 0.51 -1.17
N ARG A 36 -31.81 0.48 -1.17
CA ARG A 36 -31.05 1.71 -1.04
C ARG A 36 -30.62 2.22 -2.43
N TRP A 37 -30.73 3.54 -2.63
CA TRP A 37 -30.26 4.19 -3.88
C TRP A 37 -28.97 4.95 -3.64
N TYR A 38 -28.15 5.03 -4.67
CA TYR A 38 -26.82 5.62 -4.59
C TYR A 38 -26.60 6.55 -5.76
N VAL A 39 -26.09 7.77 -5.47
CA VAL A 39 -25.64 8.67 -6.45
C VAL A 39 -24.13 8.81 -6.33
N PHE A 40 -23.43 8.52 -7.42
CA PHE A 40 -22.01 8.74 -7.50
C PHE A 40 -21.79 9.97 -8.34
N HIS A 41 -20.93 10.89 -7.85
CA HIS A 41 -20.65 12.13 -8.58
C HIS A 41 -19.21 12.67 -8.38
N THR A 42 -18.89 13.68 -9.15
CA THR A 42 -17.56 14.28 -9.11
C THR A 42 -17.22 14.87 -7.77
N GLY A 43 -15.99 14.60 -7.30
CA GLY A 43 -15.48 15.17 -6.07
C GLY A 43 -14.33 14.38 -5.49
N SER A 44 -13.89 14.71 -4.27
CA SER A 44 -12.80 13.96 -3.61
C SER A 44 -13.09 12.49 -3.54
N GLY A 45 -12.23 11.72 -4.20
CA GLY A 45 -12.25 10.31 -4.23
C GLY A 45 -13.48 9.61 -4.77
N ILE A 46 -14.25 10.35 -5.56
CA ILE A 46 -15.62 10.12 -6.01
C ILE A 46 -16.59 10.19 -4.85
N GLN A 47 -17.52 11.11 -4.91
CA GLN A 47 -18.38 11.35 -3.80
C GLN A 47 -19.67 10.48 -3.90
N ILE A 48 -20.23 10.06 -2.77
CA ILE A 48 -21.36 9.14 -2.83
C ILE A 48 -22.46 9.76 -2.00
N LYS A 49 -23.70 9.74 -2.52
CA LYS A 49 -24.89 10.00 -1.72
C LYS A 49 -25.76 8.79 -1.68
N THR A 50 -26.62 8.68 -0.65
CA THR A 50 -27.58 7.55 -0.54
C THR A 50 -28.93 8.03 -0.17
N SER A 51 -29.89 7.18 -0.46
CA SER A 51 -31.29 7.52 -0.21
C SER A 51 -32.00 6.21 -0.04
N GLU A 52 -33.00 6.17 0.87
CA GLU A 52 -33.86 5.00 1.04
C GLU A 52 -35.10 5.12 0.16
N ASP A 53 -35.38 6.26 -0.49
CA ASP A 53 -36.55 6.32 -1.42
C ASP A 53 -36.29 6.80 -2.87
N GLY A 54 -35.07 7.25 -3.17
CA GLY A 54 -34.79 7.92 -4.48
C GLY A 54 -35.02 9.41 -4.52
N VAL A 55 -35.67 9.95 -3.50
CA VAL A 55 -36.07 11.35 -3.42
C VAL A 55 -35.37 12.17 -2.30
N HIS A 56 -35.21 11.60 -1.10
CA HIS A 56 -34.48 12.29 -0.02
C HIS A 56 -33.02 11.83 -0.01
N TRP A 57 -32.10 12.73 -0.24
CA TRP A 57 -30.69 12.38 -0.43
C TRP A 57 -29.84 12.88 0.75
N GLU A 58 -28.91 12.02 1.19
CA GLU A 58 -27.88 12.41 2.13
C GLU A 58 -26.48 12.04 1.67
N ASN A 59 -25.54 12.96 1.85
CA ASN A 59 -24.13 12.60 1.64
C ASN A 59 -23.75 11.40 2.53
N MET A 60 -23.15 10.40 1.93
CA MET A 60 -22.86 9.16 2.58
C MET A 60 -21.38 8.88 2.68
N GLY A 61 -20.58 9.16 1.65
CA GLY A 61 -19.20 8.76 1.72
C GLY A 61 -18.39 9.05 0.44
N ARG A 62 -17.31 8.29 0.26
CA ARG A 62 -16.55 8.40 -0.96
C ARG A 62 -15.87 7.12 -1.32
N VAL A 63 -15.48 6.97 -2.57
CA VAL A 63 -15.01 5.65 -3.03
C VAL A 63 -13.60 5.42 -2.61
N PHE A 64 -12.73 6.43 -2.79
CA PHE A 64 -11.31 6.34 -2.40
C PHE A 64 -10.91 7.27 -1.24
N PRO A 65 -10.33 6.71 -0.15
CA PRO A 65 -9.74 7.60 0.88
C PRO A 65 -8.68 8.52 0.29
N SER A 66 -7.86 7.94 -0.55
CA SER A 66 -6.95 8.75 -1.33
C SER A 66 -6.80 8.20 -2.75
N LEU A 67 -6.27 9.05 -3.60
CA LEU A 67 -5.99 8.75 -4.99
C LEU A 67 -5.17 7.47 -5.12
N PRO A 68 -5.56 6.54 -5.98
CA PRO A 68 -4.61 5.43 -6.15
C PRO A 68 -3.22 5.88 -6.67
N ASP A 69 -2.17 5.20 -6.20
CA ASP A 69 -0.81 5.61 -6.55
C ASP A 69 -0.51 5.65 -8.04
N TRP A 70 -1.03 4.69 -8.79
CA TRP A 70 -0.72 4.64 -10.22
C TRP A 70 -1.18 5.89 -10.96
N CYS A 71 -2.21 6.57 -10.47
CA CYS A 71 -2.74 7.73 -11.18
C CYS A 71 -1.74 8.82 -11.53
N LYS A 72 -0.81 9.06 -10.59
CA LYS A 72 0.29 10.02 -10.73
C LYS A 72 1.11 9.78 -11.97
N GLN A 73 1.31 8.52 -12.33
CA GLN A 73 2.06 8.20 -13.53
C GLN A 73 1.36 8.69 -14.79
N TYR A 74 0.02 8.58 -14.81
CA TYR A 74 -0.81 9.00 -15.93
C TYR A 74 -1.02 10.48 -16.03
N VAL A 75 -1.11 11.15 -14.87
CA VAL A 75 -1.48 12.59 -14.77
C VAL A 75 -0.58 13.25 -13.69
N PRO A 76 0.71 13.36 -14.00
CA PRO A 76 1.68 13.76 -12.98
C PRO A 76 1.47 15.15 -12.41
N GLU A 77 0.77 16.02 -13.14
CA GLU A 77 0.49 17.36 -12.67
C GLU A 77 -0.67 17.41 -11.70
N LYS A 78 -1.47 16.34 -11.61
CA LYS A 78 -2.59 16.36 -10.68
C LYS A 78 -2.09 16.43 -9.22
N ASP A 79 -2.48 17.48 -8.49
CA ASP A 79 -2.07 17.59 -7.09
C ASP A 79 -3.26 17.69 -6.12
N GLU A 80 -4.44 17.22 -6.51
CA GLU A 80 -5.54 17.10 -5.57
C GLU A 80 -6.34 15.80 -5.86
N ASP A 81 -7.32 15.46 -5.02
CA ASP A 81 -7.84 14.11 -5.08
C ASP A 81 -9.25 14.08 -5.73
N HIS A 82 -9.70 15.15 -6.38
CA HIS A 82 -11.02 15.17 -7.05
C HIS A 82 -11.04 14.36 -8.35
N LEU A 83 -11.89 13.34 -8.34
CA LEU A 83 -12.07 12.41 -9.45
C LEU A 83 -13.40 12.74 -10.13
N TRP A 84 -13.45 12.59 -11.43
CA TRP A 84 -14.55 13.19 -12.19
C TRP A 84 -15.42 12.16 -12.88
N ALA A 85 -16.70 12.44 -12.93
CA ALA A 85 -17.60 11.78 -13.87
C ALA A 85 -17.65 10.27 -13.80
N PRO A 86 -18.04 9.73 -12.62
CA PRO A 86 -18.06 8.31 -12.46
C PRO A 86 -19.15 7.67 -13.26
N ASP A 87 -18.95 6.40 -13.58
CA ASP A 87 -20.04 5.61 -14.17
C ASP A 87 -20.06 4.26 -13.51
N ILE A 88 -21.29 3.74 -13.30
CA ILE A 88 -21.51 2.57 -12.53
C ILE A 88 -22.35 1.60 -13.37
N CYS A 89 -22.01 0.32 -13.29
CA CYS A 89 -22.79 -0.75 -13.87
C CYS A 89 -22.56 -2.08 -13.10
N PHE A 90 -23.49 -2.99 -13.25
CA PHE A 90 -23.54 -4.22 -12.46
C PHE A 90 -23.59 -5.38 -13.43
N TYR A 91 -22.58 -6.25 -13.33
CA TYR A 91 -22.30 -7.22 -14.35
C TYR A 91 -21.54 -8.40 -13.72
N ASN A 92 -22.03 -9.60 -13.99
CA ASN A 92 -21.49 -10.84 -13.41
C ASN A 92 -21.44 -10.77 -11.89
N GLY A 93 -22.45 -10.13 -11.31
CA GLY A 93 -22.54 -10.03 -9.85
C GLY A 93 -21.57 -9.03 -9.25
N ILE A 94 -20.87 -8.27 -10.10
CA ILE A 94 -19.86 -7.31 -9.64
C ILE A 94 -20.22 -5.87 -10.07
N TYR A 95 -19.89 -4.91 -9.22
CA TYR A 95 -20.08 -3.53 -9.55
C TYR A 95 -18.80 -3.09 -10.17
N TYR A 96 -18.93 -2.46 -11.35
CA TYR A 96 -17.80 -1.81 -12.06
C TYR A 96 -18.05 -0.35 -12.05
N LEU A 97 -17.16 0.36 -11.36
CA LEU A 97 -17.17 1.79 -11.26
C LEU A 97 -16.01 2.40 -12.04
N TYR A 98 -16.33 3.17 -13.08
CA TYR A 98 -15.31 3.84 -13.88
C TYR A 98 -15.24 5.27 -13.42
N TYR A 99 -14.05 5.89 -13.53
CA TYR A 99 -13.92 7.30 -13.12
C TYR A 99 -12.80 7.98 -13.90
N SER A 100 -12.72 9.29 -13.83
CA SER A 100 -11.75 10.06 -14.60
C SER A 100 -10.75 10.77 -13.67
N VAL A 101 -9.49 10.69 -14.05
CA VAL A 101 -8.39 11.38 -13.43
C VAL A 101 -7.83 12.31 -14.49
N SER A 102 -7.90 13.60 -14.21
CA SER A 102 -7.48 14.60 -15.22
C SER A 102 -7.19 15.94 -14.53
N THR A 103 -6.80 16.92 -15.34
CA THR A 103 -6.85 18.33 -14.92
C THR A 103 -7.56 19.18 -15.99
N PHE A 104 -8.23 20.19 -15.48
CA PHE A 104 -9.11 20.98 -16.23
C PHE A 104 -8.49 21.64 -17.44
N GLY A 105 -9.15 21.53 -18.58
CA GLY A 105 -8.61 22.04 -19.85
C GLY A 105 -7.50 21.34 -20.58
N LYS A 106 -7.03 20.20 -20.05
CA LYS A 106 -6.03 19.40 -20.73
C LYS A 106 -6.46 17.99 -20.94
N ASN A 107 -5.80 17.31 -21.88
CA ASN A 107 -6.23 15.96 -22.25
C ASN A 107 -5.26 14.88 -21.87
N THR A 108 -4.45 15.20 -20.85
CA THR A 108 -3.64 14.20 -20.15
C THR A 108 -4.52 13.64 -19.07
N SER A 109 -5.06 12.43 -19.28
CA SER A 109 -6.20 11.97 -18.54
C SER A 109 -6.19 10.47 -18.59
N VAL A 110 -6.81 9.87 -17.57
CA VAL A 110 -6.97 8.44 -17.56
C VAL A 110 -8.30 8.08 -16.91
N ILE A 111 -8.92 7.03 -17.42
CA ILE A 111 -10.11 6.47 -16.86
C ILE A 111 -9.69 5.25 -16.06
N GLY A 112 -10.09 5.21 -14.80
CA GLY A 112 -9.75 4.08 -13.98
C GLY A 112 -10.99 3.24 -13.72
N LEU A 113 -10.74 2.05 -13.20
CA LEU A 113 -11.75 1.08 -12.83
C LEU A 113 -11.52 0.61 -11.41
N ALA A 114 -12.60 0.66 -10.64
CA ALA A 114 -12.67 0.04 -9.34
C ALA A 114 -13.87 -0.95 -9.36
N THR A 115 -13.69 -2.11 -8.70
CA THR A 115 -14.78 -3.10 -8.54
C THR A 115 -15.18 -3.40 -7.08
N ASN A 116 -16.44 -3.78 -6.92
CA ASN A 116 -16.98 -4.14 -5.62
C ASN A 116 -18.09 -5.17 -5.73
N ARG A 117 -18.18 -6.00 -4.70
CA ARG A 117 -19.28 -7.01 -4.60
C ARG A 117 -20.58 -6.36 -4.11
N THR A 118 -20.45 -5.23 -3.45
CA THR A 118 -21.59 -4.48 -2.93
C THR A 118 -21.31 -3.01 -2.90
N LEU A 119 -22.33 -2.19 -2.97
CA LEU A 119 -22.16 -0.74 -2.88
C LEU A 119 -22.16 -0.22 -1.44
N ASP A 120 -22.56 -1.08 -0.51
CA ASP A 120 -22.80 -0.73 0.90
C ASP A 120 -21.58 -0.97 1.79
N PRO A 121 -21.04 0.12 2.42
CA PRO A 121 -19.82 0.01 3.27
C PRO A 121 -20.01 -0.78 4.59
N ARG A 122 -21.26 -0.81 5.06
CA ARG A 122 -21.71 -1.63 6.18
C ARG A 122 -21.68 -3.15 5.93
N ASP A 123 -21.60 -3.52 4.67
CA ASP A 123 -21.77 -4.89 4.27
C ASP A 123 -20.36 -5.44 4.35
N PRO A 124 -20.14 -6.50 5.14
CA PRO A 124 -18.76 -6.90 5.33
C PRO A 124 -18.04 -7.33 4.05
N ASP A 125 -18.78 -7.53 2.95
CA ASP A 125 -18.14 -7.79 1.66
C ASP A 125 -17.58 -6.54 0.95
N TYR A 126 -17.90 -5.36 1.44
CA TYR A 126 -17.37 -4.11 0.85
C TYR A 126 -15.87 -4.03 0.78
N GLU A 127 -15.37 -3.73 -0.40
CA GLU A 127 -13.97 -3.43 -0.67
C GLU A 127 -13.98 -3.01 -2.14
N TRP A 128 -13.74 -1.73 -2.36
CA TRP A 128 -13.44 -1.21 -3.71
C TRP A 128 -12.05 -1.69 -4.11
N LYS A 129 -11.93 -2.73 -4.92
CA LYS A 129 -10.64 -3.16 -5.43
C LYS A 129 -10.25 -2.16 -6.53
N ASP A 130 -9.04 -1.61 -6.39
CA ASP A 130 -8.47 -0.76 -7.41
C ASP A 130 -8.00 -1.66 -8.57
N MET A 131 -8.69 -1.59 -9.71
CA MET A 131 -8.35 -2.44 -10.84
C MET A 131 -7.57 -1.70 -11.91
N GLY A 132 -7.15 -0.48 -11.60
CA GLY A 132 -6.14 0.18 -12.36
C GLY A 132 -6.65 0.91 -13.58
N PRO A 133 -5.76 1.21 -14.51
CA PRO A 133 -6.19 1.99 -15.69
C PRO A 133 -6.94 1.20 -16.79
N VAL A 134 -7.85 1.94 -17.44
CA VAL A 134 -8.74 1.39 -18.46
C VAL A 134 -8.31 1.85 -19.84
N ILE A 135 -8.19 3.17 -20.01
CA ILE A 135 -7.73 3.78 -21.27
C ILE A 135 -7.23 5.16 -20.91
N HIS A 136 -6.27 5.71 -21.66
CA HIS A 136 -5.79 7.05 -21.29
C HIS A 136 -5.51 7.84 -22.55
N SER A 137 -5.31 9.13 -22.37
CA SER A 137 -4.94 10.05 -23.41
C SER A 137 -3.77 10.89 -22.94
N THR A 138 -2.93 11.26 -23.90
CA THR A 138 -1.86 12.22 -23.68
C THR A 138 -1.95 13.32 -24.70
N ALA A 139 -1.00 14.25 -24.62
CA ALA A 139 -0.94 15.37 -25.59
C ALA A 139 -0.91 14.89 -27.04
N SER A 140 -0.36 13.71 -27.31
CA SER A 140 -0.27 13.25 -28.70
C SER A 140 -1.60 12.65 -29.24
N ASP A 141 -2.63 12.55 -28.38
CA ASP A 141 -3.90 12.05 -28.82
C ASP A 141 -4.83 13.16 -29.17
N ASN A 142 -5.73 12.92 -30.10
CA ASN A 142 -6.78 13.89 -30.41
C ASN A 142 -8.12 13.49 -29.75
N TYR A 143 -8.08 13.07 -28.50
CA TYR A 143 -9.29 12.83 -27.70
C TYR A 143 -8.91 13.00 -26.26
N ASN A 144 -9.91 12.97 -25.39
CA ASN A 144 -9.64 13.15 -23.96
C ASN A 144 -10.27 12.01 -23.21
N ALA A 145 -9.44 11.26 -22.48
CA ALA A 145 -9.93 10.09 -21.75
C ALA A 145 -10.57 10.49 -20.43
N ILE A 146 -11.73 11.13 -20.55
CA ILE A 146 -12.58 11.35 -19.36
C ILE A 146 -14.02 11.04 -19.73
N ASN A 147 -14.86 10.97 -18.71
CA ASN A 147 -16.30 10.86 -18.85
C ASN A 147 -16.73 9.50 -19.35
N PRO A 148 -16.37 8.43 -18.61
CA PRO A 148 -16.72 7.13 -19.17
C PRO A 148 -18.22 6.84 -19.11
N ASN A 149 -18.65 5.95 -19.98
CA ASN A 149 -19.93 5.29 -19.91
C ASN A 149 -19.90 3.88 -20.50
N VAL A 150 -20.47 2.94 -19.77
CA VAL A 150 -20.55 1.58 -20.25
C VAL A 150 -21.97 1.26 -20.67
N VAL A 151 -22.09 0.69 -21.83
CA VAL A 151 -23.38 0.13 -22.33
C VAL A 151 -23.20 -1.31 -22.89
N PHE A 152 -24.28 -2.11 -22.86
CA PHE A 152 -24.28 -3.47 -23.36
C PHE A 152 -25.05 -3.45 -24.65
N ASP A 153 -24.49 -4.03 -25.67
CA ASP A 153 -25.20 -4.03 -26.95
C ASP A 153 -26.19 -5.20 -26.95
N GLN A 154 -26.90 -5.36 -28.07
CA GLN A 154 -28.01 -6.33 -28.20
C GLN A 154 -27.51 -7.77 -28.13
N GLU A 155 -26.23 -7.97 -28.40
CA GLU A 155 -25.62 -9.24 -28.24
C GLU A 155 -24.96 -9.42 -26.90
N GLY A 156 -25.31 -8.58 -25.90
CA GLY A 156 -24.66 -8.60 -24.58
C GLY A 156 -23.17 -8.27 -24.52
N GLN A 157 -22.62 -7.67 -25.56
CA GLN A 157 -21.22 -7.27 -25.52
C GLN A 157 -21.11 -5.87 -24.82
N PRO A 158 -20.19 -5.69 -23.89
CA PRO A 158 -20.01 -4.38 -23.30
C PRO A 158 -19.15 -3.42 -24.15
N TRP A 159 -19.54 -2.15 -24.11
CA TRP A 159 -18.86 -1.11 -24.83
C TRP A 159 -18.60 0.07 -23.94
N LEU A 160 -17.50 0.75 -24.17
CA LEU A 160 -17.20 1.97 -23.41
C LEU A 160 -17.24 3.15 -24.32
N SER A 161 -18.02 4.17 -23.97
CA SER A 161 -17.97 5.47 -24.65
C SER A 161 -17.38 6.47 -23.65
N PHE A 162 -16.73 7.48 -24.15
CA PHE A 162 -16.18 8.54 -23.34
C PHE A 162 -15.88 9.73 -24.18
N GLY A 163 -15.40 10.78 -23.54
CA GLY A 163 -14.87 11.92 -24.29
C GLY A 163 -15.25 13.32 -23.83
N SER A 164 -14.43 14.30 -24.28
CA SER A 164 -14.66 15.69 -23.97
C SER A 164 -13.79 16.51 -24.90
N PHE A 165 -14.39 17.29 -25.80
CA PHE A 165 -13.63 18.17 -26.68
C PHE A 165 -12.61 17.38 -27.52
N TRP A 166 -11.57 18.06 -28.04
CA TRP A 166 -10.71 17.41 -29.09
C TRP A 166 -11.54 16.87 -30.24
N SER A 167 -11.33 15.62 -30.69
CA SER A 167 -12.07 15.10 -31.79
C SER A 167 -13.49 14.68 -31.44
N GLY A 168 -13.84 14.66 -30.16
CA GLY A 168 -15.20 14.35 -29.71
C GLY A 168 -15.35 13.04 -28.95
N ILE A 169 -16.53 12.41 -29.13
CA ILE A 169 -16.94 11.22 -28.42
C ILE A 169 -16.37 9.95 -29.06
N GLN A 170 -15.75 9.12 -28.23
CA GLN A 170 -15.08 7.92 -28.61
C GLN A 170 -15.85 6.73 -28.14
N LEU A 171 -15.61 5.61 -28.79
CA LEU A 171 -16.22 4.38 -28.43
C LEU A 171 -15.23 3.21 -28.64
N ILE A 172 -15.26 2.25 -27.75
CA ILE A 172 -14.36 1.10 -27.90
C ILE A 172 -14.99 -0.09 -27.21
N GLN A 173 -14.80 -1.24 -27.84
CA GLN A 173 -15.34 -2.44 -27.32
C GLN A 173 -14.55 -2.92 -26.09
N LEU A 174 -15.28 -3.42 -25.12
CA LEU A 174 -14.63 -3.95 -23.91
C LEU A 174 -14.59 -5.45 -23.96
N ASP A 175 -13.67 -6.03 -23.22
CA ASP A 175 -13.66 -7.47 -23.00
C ASP A 175 -14.51 -7.82 -21.83
N THR A 176 -15.30 -8.88 -21.94
CA THR A 176 -16.25 -9.21 -20.86
C THR A 176 -15.61 -9.65 -19.57
N GLU A 177 -14.38 -10.13 -19.65
CA GLU A 177 -13.69 -10.62 -18.44
C GLU A 177 -13.06 -9.44 -17.67
N THR A 178 -12.25 -8.64 -18.37
CA THR A 178 -11.49 -7.55 -17.76
C THR A 178 -12.35 -6.32 -17.56
N MET A 179 -13.40 -6.20 -18.39
CA MET A 179 -14.20 -4.91 -18.48
C MET A 179 -13.26 -3.73 -18.81
N LYS A 180 -12.22 -4.06 -19.58
CA LYS A 180 -11.31 -3.09 -20.14
C LYS A 180 -11.27 -3.38 -21.64
N PRO A 181 -10.84 -2.41 -22.44
CA PRO A 181 -10.87 -2.54 -23.88
C PRO A 181 -10.29 -3.89 -24.36
N ALA A 182 -10.97 -4.52 -25.31
CA ALA A 182 -10.60 -5.83 -25.80
C ALA A 182 -9.27 -5.68 -26.53
N ALA A 183 -8.46 -6.72 -26.45
CA ALA A 183 -7.07 -6.77 -26.95
C ALA A 183 -6.65 -5.82 -28.09
N GLN A 184 -7.24 -6.08 -29.26
CA GLN A 184 -6.87 -5.36 -30.48
C GLN A 184 -7.97 -4.35 -30.82
N ALA A 185 -8.92 -4.14 -29.92
CA ALA A 185 -9.98 -3.17 -30.15
C ALA A 185 -9.43 -1.81 -30.54
N GLU A 186 -10.18 -1.17 -31.44
CA GLU A 186 -9.86 0.12 -32.03
C GLU A 186 -10.83 1.14 -31.45
N LEU A 187 -10.35 2.36 -31.27
CA LEU A 187 -11.17 3.53 -30.89
C LEU A 187 -11.86 4.14 -32.10
N LEU A 188 -13.17 4.34 -31.99
CA LEU A 188 -13.96 5.01 -32.98
C LEU A 188 -14.51 6.35 -32.46
N THR A 189 -14.49 7.36 -33.30
CA THR A 189 -15.20 8.59 -32.98
C THR A 189 -16.62 8.45 -33.50
N ILE A 190 -17.61 8.59 -32.62
CA ILE A 190 -18.98 8.47 -32.98
C ILE A 190 -19.78 9.75 -32.85
N ALA A 191 -19.23 10.83 -32.32
CA ALA A 191 -19.89 12.12 -32.39
C ALA A 191 -18.94 13.26 -32.29
N SER A 192 -19.31 14.37 -32.91
CA SER A 192 -18.42 15.56 -32.95
C SER A 192 -19.25 16.71 -33.43
N ARG A 193 -18.98 17.91 -32.95
CA ARG A 193 -19.64 19.08 -33.52
C ARG A 193 -18.97 19.39 -34.89
N GLY A 194 -17.88 18.71 -35.25
CA GLY A 194 -17.24 18.86 -36.58
C GLY A 194 -16.37 20.10 -36.75
N GLU A 195 -16.25 20.90 -35.70
CA GLU A 195 -15.38 22.04 -35.76
C GLU A 195 -14.90 22.49 -34.34
N GLU A 196 -14.09 23.55 -34.29
CA GLU A 196 -13.40 24.03 -33.06
C GLU A 196 -14.20 25.13 -32.40
N PRO A 197 -14.11 25.30 -31.05
CA PRO A 197 -13.63 24.31 -30.08
C PRO A 197 -14.78 23.33 -30.00
N ASN A 198 -14.49 22.04 -29.95
CA ASN A 198 -15.52 20.97 -30.17
C ASN A 198 -16.21 20.58 -28.84
N ALA A 199 -17.12 21.48 -28.44
CA ALA A 199 -17.70 21.48 -27.12
C ALA A 199 -18.84 20.45 -27.11
N ILE A 200 -18.42 19.19 -27.03
CA ILE A 200 -19.26 18.04 -26.96
C ILE A 200 -18.59 17.08 -25.94
N GLU A 201 -19.36 16.55 -25.01
CA GLU A 201 -18.74 15.69 -23.95
C GLU A 201 -19.78 14.85 -23.26
N ALA A 202 -19.32 14.05 -22.33
CA ALA A 202 -20.20 13.34 -21.42
C ALA A 202 -21.19 12.38 -22.13
N PRO A 203 -20.68 11.38 -22.86
CA PRO A 203 -21.67 10.56 -23.54
C PRO A 203 -22.41 9.60 -22.62
N PHE A 204 -23.65 9.28 -22.99
CA PHE A 204 -24.36 8.23 -22.34
C PHE A 204 -25.21 7.52 -23.37
N ILE A 205 -24.94 6.24 -23.51
CA ILE A 205 -25.63 5.47 -24.52
C ILE A 205 -26.64 4.52 -23.87
N VAL A 206 -27.87 4.47 -24.41
CA VAL A 206 -28.82 3.40 -24.01
C VAL A 206 -29.41 2.75 -25.23
N CYS A 207 -29.87 1.52 -25.07
CA CYS A 207 -30.51 0.75 -26.18
C CYS A 207 -32.01 0.69 -25.89
N ARG A 208 -32.87 1.22 -26.77
CA ARG A 208 -34.32 1.09 -26.63
C ARG A 208 -35.01 0.87 -27.97
N ASN A 209 -35.91 -0.11 -28.00
CA ASN A 209 -36.71 -0.39 -29.21
C ASN A 209 -35.95 -0.32 -30.54
N GLY A 210 -34.90 -1.13 -30.55
CA GLY A 210 -34.04 -1.37 -31.74
C GLY A 210 -33.14 -0.23 -32.17
N TYR A 211 -32.94 0.76 -31.30
CA TYR A 211 -31.97 1.82 -31.59
C TYR A 211 -31.07 2.02 -30.36
N TYR A 212 -29.84 2.41 -30.63
CA TYR A 212 -28.99 2.99 -29.60
C TYR A 212 -29.21 4.51 -29.61
N TYR A 213 -29.43 5.10 -28.45
CA TYR A 213 -29.58 6.53 -28.30
C TYR A 213 -28.31 7.02 -27.62
N LEU A 214 -27.71 8.00 -28.24
CA LEU A 214 -26.52 8.63 -27.70
C LEU A 214 -26.92 10.01 -27.13
N PHE A 215 -26.90 10.12 -25.79
CA PHE A 215 -27.02 11.42 -25.15
C PHE A 215 -25.68 12.06 -24.95
N VAL A 216 -25.62 13.35 -25.16
CA VAL A 216 -24.38 14.13 -24.91
C VAL A 216 -24.68 15.49 -24.33
N SER A 217 -23.66 16.20 -23.88
CA SER A 217 -23.77 17.58 -23.42
C SER A 217 -23.00 18.46 -24.43
N PHE A 218 -23.64 19.55 -24.87
CA PHE A 218 -23.07 20.54 -25.74
C PHE A 218 -22.69 21.75 -24.93
N ASP A 219 -21.66 22.43 -25.39
CA ASP A 219 -21.23 23.76 -24.93
C ASP A 219 -20.60 23.62 -23.54
N PHE A 220 -20.78 24.64 -22.69
CA PHE A 220 -19.84 24.90 -21.59
C PHE A 220 -20.42 24.68 -20.22
N CYS A 221 -19.82 23.70 -19.55
CA CYS A 221 -20.12 23.45 -18.17
C CYS A 221 -19.35 24.41 -17.31
N CYS A 222 -19.54 24.24 -16.01
CA CYS A 222 -18.51 24.55 -14.98
C CYS A 222 -18.28 26.06 -14.83
N ARG A 223 -19.29 26.82 -15.22
CA ARG A 223 -19.25 28.31 -15.10
C ARG A 223 -20.40 28.87 -14.28
N GLY A 224 -20.96 28.07 -13.40
CA GLY A 224 -22.12 28.44 -12.61
C GLY A 224 -23.20 29.03 -13.51
N ILE A 225 -23.63 30.24 -13.18
CA ILE A 225 -24.73 30.87 -13.80
C ILE A 225 -24.44 31.30 -15.25
N GLU A 226 -23.19 31.35 -15.68
CA GLU A 226 -22.88 31.51 -17.13
C GLU A 226 -22.64 30.22 -17.90
N SER A 227 -22.86 29.05 -17.27
CA SER A 227 -22.73 27.82 -18.01
C SER A 227 -23.74 27.85 -19.12
N THR A 228 -23.35 27.35 -20.28
CA THR A 228 -24.21 27.29 -21.49
C THR A 228 -24.47 25.82 -21.91
N TYR A 229 -24.19 24.88 -20.99
CA TYR A 229 -24.41 23.43 -21.17
C TYR A 229 -25.85 23.14 -21.68
N LYS A 230 -26.01 22.17 -22.58
CA LYS A 230 -27.33 21.65 -22.90
C LYS A 230 -27.22 20.17 -23.14
N ILE A 231 -28.35 19.47 -23.01
CA ILE A 231 -28.49 18.05 -23.27
C ILE A 231 -29.07 17.71 -24.65
N ALA A 232 -28.33 16.92 -25.45
CA ALA A 232 -28.70 16.66 -26.81
C ALA A 232 -28.66 15.16 -27.02
N VAL A 233 -29.36 14.69 -28.04
CA VAL A 233 -29.55 13.29 -28.27
C VAL A 233 -29.60 12.95 -29.78
N GLY A 234 -29.11 11.76 -30.13
CA GLY A 234 -29.29 11.19 -31.45
C GLY A 234 -29.37 9.71 -31.33
N ARG A 235 -29.54 9.04 -32.47
CA ARG A 235 -29.72 7.60 -32.46
C ARG A 235 -29.19 6.92 -33.72
N SER A 236 -28.98 5.62 -33.58
CA SER A 236 -28.43 4.74 -34.61
C SER A 236 -28.93 3.35 -34.43
N LYS A 237 -29.06 2.63 -35.54
CA LYS A 237 -29.36 1.20 -35.50
C LYS A 237 -28.18 0.40 -35.05
N ASP A 238 -26.99 0.85 -35.35
CA ASP A 238 -25.79 0.16 -34.83
C ASP A 238 -25.09 1.03 -33.82
N ILE A 239 -24.49 0.35 -32.83
CA ILE A 239 -23.92 1.06 -31.71
C ILE A 239 -22.73 1.87 -32.20
N THR A 240 -22.11 1.40 -33.28
CA THR A 240 -21.00 2.16 -33.89
C THR A 240 -21.40 3.33 -34.80
N GLY A 241 -22.70 3.57 -34.96
CA GLY A 241 -23.18 4.68 -35.72
C GLY A 241 -23.60 4.32 -37.14
N PRO A 242 -23.87 5.32 -37.98
CA PRO A 242 -23.84 6.78 -37.70
C PRO A 242 -25.05 7.23 -36.87
N TYR A 243 -24.79 8.10 -35.90
CA TYR A 243 -25.81 8.61 -35.03
C TYR A 243 -26.37 9.84 -35.71
N VAL A 244 -27.71 9.96 -35.72
CA VAL A 244 -28.37 11.08 -36.34
C VAL A 244 -29.46 11.65 -35.41
N ASP A 245 -29.64 12.95 -35.43
CA ASP A 245 -30.70 13.53 -34.66
C ASP A 245 -32.09 13.39 -35.32
N LYS A 246 -33.10 13.95 -34.65
CA LYS A 246 -34.49 13.85 -35.09
C LYS A 246 -34.72 14.54 -36.47
N ASN A 247 -33.95 15.58 -36.74
CA ASN A 247 -33.87 16.23 -38.06
C ASN A 247 -33.02 15.55 -39.10
N GLY A 248 -32.46 14.37 -38.76
CA GLY A 248 -31.66 13.60 -39.66
C GLY A 248 -30.21 14.05 -39.77
N VAL A 249 -29.77 15.02 -38.95
CA VAL A 249 -28.41 15.53 -39.01
C VAL A 249 -27.45 14.65 -38.21
N SER A 250 -26.39 14.26 -38.90
CA SER A 250 -25.31 13.46 -38.35
C SER A 250 -24.73 14.08 -37.09
N MET A 251 -24.59 13.25 -36.07
CA MET A 251 -23.99 13.67 -34.87
C MET A 251 -22.47 13.76 -35.06
N MET A 252 -21.92 13.38 -36.23
CA MET A 252 -20.47 13.59 -36.50
C MET A 252 -20.27 14.97 -37.13
N GLN A 253 -21.39 15.68 -37.36
CA GLN A 253 -21.42 17.04 -37.85
C GLN A 253 -22.34 18.01 -37.03
N GLY A 254 -22.29 17.93 -35.70
CA GLY A 254 -23.06 18.84 -34.90
C GLY A 254 -24.53 18.49 -34.71
N GLY A 255 -24.96 17.35 -35.28
CA GLY A 255 -26.31 16.87 -35.04
C GLY A 255 -26.55 16.54 -33.59
N GLY A 256 -27.82 16.67 -33.20
CA GLY A 256 -28.27 16.37 -31.89
C GLY A 256 -29.53 17.17 -31.53
N THR A 257 -30.59 16.46 -31.17
CA THR A 257 -31.80 17.10 -30.77
C THR A 257 -31.69 17.57 -29.32
N ILE A 258 -32.00 18.84 -29.05
CA ILE A 258 -31.85 19.40 -27.72
C ILE A 258 -33.00 18.94 -26.80
N LEU A 259 -32.63 18.29 -25.72
CA LEU A 259 -33.59 17.74 -24.77
C LEU A 259 -33.86 18.77 -23.71
N ASP A 260 -32.82 19.51 -23.34
CA ASP A 260 -32.98 20.46 -22.28
C ASP A 260 -31.91 21.45 -22.41
N ALA A 261 -32.30 22.71 -22.47
CA ALA A 261 -31.32 23.80 -22.54
C ALA A 261 -31.32 24.63 -21.28
N GLY A 262 -32.13 24.25 -20.30
CA GLY A 262 -32.22 24.95 -19.04
C GLY A 262 -33.33 25.99 -19.01
N ASN A 263 -33.62 26.50 -17.83
CA ASN A 263 -34.65 27.54 -17.65
C ASN A 263 -34.09 28.69 -16.77
N ASP A 264 -34.93 29.62 -16.32
CA ASP A 264 -34.41 30.79 -15.60
C ASP A 264 -33.78 30.41 -14.30
N ARG A 265 -34.21 29.31 -13.68
CA ARG A 265 -33.56 28.83 -12.45
C ARG A 265 -32.39 27.85 -12.67
N TRP A 266 -32.64 26.83 -13.48
CA TRP A 266 -31.75 25.72 -13.63
C TRP A 266 -30.93 26.01 -14.85
N ILE A 267 -29.72 26.54 -14.64
CA ILE A 267 -28.88 26.96 -15.75
C ILE A 267 -27.96 25.83 -16.21
N GLY A 268 -27.83 25.68 -17.53
CA GLY A 268 -26.79 24.77 -18.02
C GLY A 268 -26.88 23.33 -17.56
N PRO A 269 -28.06 22.71 -17.75
CA PRO A 269 -28.23 21.27 -17.45
C PRO A 269 -27.32 20.38 -18.30
N GLY A 270 -26.69 19.43 -17.68
CA GLY A 270 -25.89 18.48 -18.44
C GLY A 270 -25.25 17.41 -17.62
N HIS A 271 -24.31 16.71 -18.27
CA HIS A 271 -23.75 15.45 -17.77
C HIS A 271 -24.85 14.46 -17.33
N CYS A 272 -25.57 13.97 -18.32
CA CYS A 272 -26.76 13.21 -17.98
C CYS A 272 -26.61 11.69 -18.00
N ALA A 273 -27.57 11.02 -17.39
CA ALA A 273 -27.59 9.58 -17.39
C ALA A 273 -29.11 9.23 -17.47
N VAL A 274 -29.37 8.11 -18.09
CA VAL A 274 -30.68 7.63 -18.43
C VAL A 274 -30.83 6.22 -17.95
N TYR A 275 -31.89 5.96 -17.19
CA TYR A 275 -32.19 4.64 -16.65
C TYR A 275 -33.64 4.25 -16.88
N PHE A 276 -33.83 2.94 -16.95
CA PHE A 276 -35.16 2.32 -17.18
C PHE A 276 -35.58 1.40 -16.02
N SER A 277 -36.90 1.30 -15.81
CA SER A 277 -37.41 0.29 -14.90
C SER A 277 -38.77 -0.03 -15.44
N GLY A 278 -38.97 -1.25 -15.95
CA GLY A 278 -40.23 -1.63 -16.58
C GLY A 278 -40.43 -0.76 -17.81
N VAL A 279 -41.57 -0.09 -17.90
CA VAL A 279 -41.78 0.82 -19.03
C VAL A 279 -41.49 2.29 -18.69
N SER A 280 -40.85 2.54 -17.55
CA SER A 280 -40.62 3.90 -17.06
C SER A 280 -39.17 4.24 -17.29
N ALA A 281 -38.85 5.52 -17.24
CA ALA A 281 -37.46 5.96 -17.40
C ALA A 281 -37.28 7.21 -16.63
N ILE A 282 -36.03 7.47 -16.26
CA ILE A 282 -35.60 8.77 -15.73
C ILE A 282 -34.37 9.30 -16.47
N LEU A 283 -34.26 10.61 -16.46
CA LEU A 283 -33.03 11.36 -16.83
C LEU A 283 -32.52 11.90 -15.56
N VAL A 284 -31.22 11.72 -15.36
CA VAL A 284 -30.45 12.27 -14.23
C VAL A 284 -29.42 13.19 -14.80
N ASN A 285 -29.24 14.34 -14.17
CA ASN A 285 -28.19 15.24 -14.61
C ASN A 285 -27.89 16.20 -13.52
N HIS A 286 -26.94 17.07 -13.76
CA HIS A 286 -26.87 18.30 -12.88
C HIS A 286 -27.25 19.59 -13.62
N ALA A 287 -27.59 20.61 -12.84
CA ALA A 287 -27.82 21.96 -13.35
C ALA A 287 -27.33 23.01 -12.33
N TYR A 288 -26.99 24.20 -12.81
CA TYR A 288 -26.43 25.26 -11.97
C TYR A 288 -27.55 26.18 -11.40
N ASP A 289 -27.71 26.18 -10.08
CA ASP A 289 -28.88 26.81 -9.42
C ASP A 289 -28.75 28.34 -9.38
N ALA A 290 -29.52 29.02 -10.22
CA ALA A 290 -29.47 30.52 -10.27
C ALA A 290 -29.83 31.17 -8.96
N LEU A 291 -30.58 30.47 -8.11
CA LEU A 291 -30.98 31.00 -6.79
C LEU A 291 -30.06 30.57 -5.69
N LYS A 292 -29.03 29.79 -6.01
CA LYS A 292 -28.02 29.46 -5.02
C LYS A 292 -26.59 29.58 -5.54
N ASN A 293 -26.25 30.76 -6.06
CA ASN A 293 -24.89 31.11 -6.49
C ASN A 293 -24.32 30.19 -7.55
N GLY A 294 -25.21 29.65 -8.40
CA GLY A 294 -24.80 28.81 -9.50
C GLY A 294 -24.32 27.43 -9.09
N GLU A 295 -24.71 26.96 -7.92
CA GLU A 295 -24.18 25.73 -7.37
C GLU A 295 -24.70 24.51 -8.17
N PRO A 296 -23.80 23.61 -8.64
CA PRO A 296 -24.33 22.47 -9.41
C PRO A 296 -25.25 21.58 -8.54
N THR A 297 -26.42 21.27 -9.07
CA THR A 297 -27.46 20.62 -8.31
C THR A 297 -27.99 19.35 -9.00
N LEU A 298 -28.17 18.29 -8.23
CA LEU A 298 -28.73 17.03 -8.76
C LEU A 298 -30.11 17.29 -9.26
N GLN A 299 -30.44 16.72 -10.44
CA GLN A 299 -31.81 16.69 -11.00
C GLN A 299 -32.13 15.28 -11.44
N ILE A 300 -33.32 14.84 -11.13
CA ILE A 300 -33.84 13.55 -11.57
C ILE A 300 -35.26 13.79 -11.98
N ARG A 301 -35.56 13.43 -13.24
CA ARG A 301 -36.86 13.73 -13.81
C ARG A 301 -37.36 12.54 -14.57
N PRO A 302 -38.69 12.34 -14.59
CA PRO A 302 -39.15 11.27 -15.45
C PRO A 302 -38.86 11.62 -16.91
N LEU A 303 -38.53 10.62 -17.74
CA LEU A 303 -38.22 10.86 -19.13
C LEU A 303 -39.17 9.98 -19.93
N TYR A 304 -39.87 10.59 -20.86
CA TYR A 304 -40.85 9.90 -21.68
C TYR A 304 -40.30 9.73 -23.09
N TRP A 305 -40.94 8.82 -23.83
CA TRP A 305 -40.62 8.46 -25.19
C TRP A 305 -41.84 8.58 -26.14
N ASP A 306 -41.69 9.26 -27.24
CA ASP A 306 -42.86 9.53 -28.06
C ASP A 306 -43.11 8.32 -28.99
N ASP A 307 -44.13 8.38 -29.82
CA ASP A 307 -44.47 7.23 -30.70
C ASP A 307 -43.40 6.92 -31.74
N GLU A 308 -42.55 7.90 -32.04
CA GLU A 308 -41.45 7.65 -32.97
C GLU A 308 -40.19 7.18 -32.27
N GLY A 309 -40.24 7.03 -30.95
CA GLY A 309 -39.12 6.47 -30.21
C GLY A 309 -38.19 7.53 -29.60
N TRP A 310 -38.47 8.79 -29.83
CA TRP A 310 -37.68 9.89 -29.30
C TRP A 310 -38.02 10.30 -27.88
N PRO A 311 -36.99 10.54 -27.08
CA PRO A 311 -37.17 10.95 -25.72
C PRO A 311 -37.58 12.45 -25.55
N TYR A 312 -38.34 12.74 -24.48
CA TYR A 312 -38.68 14.12 -24.17
C TYR A 312 -39.03 14.26 -22.67
N LEU A 313 -38.88 15.47 -22.20
CA LEU A 313 -39.16 15.90 -20.86
C LEU A 313 -40.45 16.74 -20.90
N LEU A 314 -41.24 16.75 -19.83
CA LEU A 314 -42.36 17.69 -19.71
C LEU A 314 -41.89 18.91 -18.90
N GLU A 315 -42.61 20.02 -18.92
CA GLU A 315 -42.37 21.10 -17.96
C GLU A 315 -42.15 20.56 -16.53
N HIS A 316 -41.36 21.33 -15.78
CA HIS A 316 -41.08 21.08 -14.40
C HIS A 316 -42.41 21.11 -13.71
N HIS A 317 -42.64 20.19 -12.77
CA HIS A 317 -43.83 20.34 -11.98
C HIS A 317 -43.66 21.62 -11.20
N HIS A 318 -44.76 22.08 -10.66
CA HIS A 318 -44.66 22.93 -9.48
C HIS A 318 -44.77 22.03 -8.25
N HIS A 319 -44.03 22.40 -7.19
CA HIS A 319 -43.96 21.61 -5.96
C HIS A 319 -45.26 21.83 -5.17
N VAL B 2 16.55 -27.83 17.11
CA VAL B 2 16.17 -26.77 16.10
C VAL B 2 17.47 -26.16 15.62
N HIS B 3 17.75 -26.36 14.35
CA HIS B 3 18.83 -25.70 13.65
C HIS B 3 18.28 -24.39 13.04
N PHE B 4 18.26 -23.37 13.88
CA PHE B 4 17.70 -22.06 13.53
C PHE B 4 18.74 -21.08 12.91
N HIS B 5 20.01 -21.37 13.02
CA HIS B 5 21.13 -20.67 12.34
C HIS B 5 21.97 -21.73 11.61
N PRO B 6 21.40 -22.37 10.58
CA PRO B 6 22.13 -23.50 9.99
C PRO B 6 23.19 -23.05 9.03
N PHE B 7 24.33 -23.71 9.11
CA PHE B 7 25.45 -23.50 8.18
C PHE B 7 25.82 -24.73 7.37
N GLY B 8 25.13 -25.86 7.57
CA GLY B 8 25.42 -27.09 6.78
C GLY B 8 26.75 -27.79 7.14
N ASN B 9 27.48 -28.22 6.12
CA ASN B 9 28.77 -28.93 6.34
C ASN B 9 29.97 -28.02 6.62
N VAL B 10 29.74 -26.73 6.71
CA VAL B 10 30.83 -25.79 6.88
C VAL B 10 31.59 -26.08 8.19
N ASN B 11 32.90 -26.01 8.11
CA ASN B 11 33.77 -26.04 9.30
C ASN B 11 34.46 -24.69 9.42
N PHE B 12 34.00 -23.86 10.35
CA PHE B 12 34.46 -22.51 10.40
C PHE B 12 35.96 -22.48 10.76
N TYR B 13 36.47 -23.53 11.45
CA TYR B 13 37.90 -23.58 11.84
C TYR B 13 38.84 -23.91 10.71
N GLU B 14 38.31 -24.44 9.60
CA GLU B 14 39.07 -24.66 8.38
C GLU B 14 39.06 -23.46 7.46
N MET B 15 38.40 -22.36 7.80
CA MET B 15 38.34 -21.24 6.90
C MET B 15 39.25 -20.11 7.36
N ASP B 16 39.88 -19.47 6.39
CA ASP B 16 40.78 -18.39 6.71
C ASP B 16 39.97 -17.08 6.61
N TRP B 17 39.74 -16.45 7.74
CA TRP B 17 38.76 -15.33 7.84
C TRP B 17 39.47 -14.06 7.64
N SER B 18 40.01 -13.94 6.46
CA SER B 18 40.63 -12.73 6.05
C SER B 18 39.67 -12.01 5.10
N LEU B 19 38.85 -11.13 5.65
CA LEU B 19 37.72 -10.58 4.95
C LEU B 19 38.15 -9.53 3.93
N LYS B 20 37.38 -9.42 2.86
CA LYS B 20 37.72 -8.55 1.76
C LYS B 20 36.39 -8.02 1.22
N GLY B 21 36.45 -6.84 0.60
CA GLY B 21 35.35 -6.30 -0.14
C GLY B 21 34.65 -5.17 0.60
N ASP B 22 33.31 -5.12 0.50
CA ASP B 22 32.53 -4.05 1.15
C ASP B 22 32.31 -4.43 2.63
N LEU B 23 33.18 -3.95 3.52
CA LEU B 23 33.19 -4.38 4.93
C LEU B 23 32.60 -3.36 5.90
N TRP B 24 32.11 -2.23 5.42
CA TRP B 24 31.51 -1.27 6.33
C TRP B 24 30.12 -1.74 6.81
N ALA B 25 29.91 -1.68 8.12
CA ALA B 25 28.71 -2.23 8.72
C ALA B 25 28.69 -2.00 10.17
N HIS B 26 27.50 -1.77 10.71
CA HIS B 26 27.33 -1.90 12.18
C HIS B 26 26.15 -2.83 12.50
N ASP B 27 26.30 -3.64 13.57
CA ASP B 27 25.23 -4.51 14.13
C ASP B 27 24.90 -5.66 13.17
N PRO B 28 25.88 -6.45 12.79
CA PRO B 28 25.76 -7.50 11.76
C PRO B 28 25.21 -8.80 12.31
N VAL B 29 24.41 -9.51 11.52
CA VAL B 29 24.09 -10.90 11.72
C VAL B 29 24.30 -11.62 10.39
N ILE B 30 24.47 -12.92 10.47
CA ILE B 30 24.76 -13.75 9.29
C ILE B 30 23.78 -14.91 9.16
N ALA B 31 23.35 -15.17 7.94
CA ALA B 31 22.69 -16.45 7.56
C ALA B 31 23.31 -16.99 6.27
N LYS B 32 23.18 -18.30 6.09
CA LYS B 32 23.66 -18.95 4.92
C LYS B 32 22.48 -19.78 4.38
N GLU B 33 22.28 -19.64 3.06
CA GLU B 33 21.28 -20.41 2.31
C GLU B 33 21.96 -21.04 1.12
N GLY B 34 21.92 -22.37 0.98
CA GLY B 34 22.78 -23.06 -0.05
C GLY B 34 24.24 -22.65 0.11
N SER B 35 24.88 -22.19 -0.95
CA SER B 35 26.26 -21.86 -0.90
C SER B 35 26.47 -20.34 -0.68
N ARG B 36 25.38 -19.61 -0.55
CA ARG B 36 25.42 -18.14 -0.43
C ARG B 36 25.31 -17.68 1.02
N TRP B 37 26.11 -16.68 1.39
CA TRP B 37 26.17 -16.12 2.78
C TRP B 37 25.56 -14.77 2.73
N TYR B 38 24.91 -14.36 3.80
CA TYR B 38 24.25 -13.06 3.88
C TYR B 38 24.57 -12.40 5.18
N VAL B 39 24.90 -11.10 5.12
CA VAL B 39 25.03 -10.32 6.32
C VAL B 39 23.90 -9.27 6.28
N PHE B 40 23.10 -9.29 7.33
CA PHE B 40 22.15 -8.21 7.53
C PHE B 40 22.72 -7.22 8.55
N HIS B 41 22.52 -5.93 8.33
CA HIS B 41 23.04 -4.95 9.29
C HIS B 41 22.31 -3.66 9.28
N THR B 42 22.56 -2.82 10.30
CA THR B 42 21.95 -1.50 10.42
C THR B 42 22.10 -0.61 9.22
N GLY B 43 21.03 0.06 8.79
CA GLY B 43 21.09 0.97 7.66
C GLY B 43 19.70 1.11 7.05
N SER B 44 19.64 1.88 5.98
CA SER B 44 18.36 2.18 5.33
C SER B 44 17.66 0.89 4.87
N GLY B 45 16.45 0.71 5.43
CA GLY B 45 15.60 -0.46 5.22
C GLY B 45 16.14 -1.83 5.60
N ILE B 46 17.17 -1.86 6.49
CA ILE B 46 18.07 -2.99 6.77
C ILE B 46 18.92 -3.34 5.56
N GLN B 47 20.21 -3.16 5.69
CA GLN B 47 21.11 -3.34 4.66
C GLN B 47 21.56 -4.80 4.56
N ILE B 48 21.81 -5.26 3.34
CA ILE B 48 22.21 -6.63 3.08
C ILE B 48 23.51 -6.70 2.25
N LYS B 49 24.44 -7.57 2.72
CA LYS B 49 25.62 -7.92 1.98
C LYS B 49 25.58 -9.40 1.70
N THR B 50 26.35 -9.83 0.70
CA THR B 50 26.27 -11.18 0.20
C THR B 50 27.65 -11.66 -0.14
N SER B 51 27.84 -12.98 -0.05
CA SER B 51 29.16 -13.58 -0.25
C SER B 51 28.94 -14.97 -0.76
N GLU B 52 29.78 -15.40 -1.75
CA GLU B 52 29.72 -16.82 -2.20
C GLU B 52 30.64 -17.67 -1.36
N ASP B 53 31.46 -17.09 -0.46
CA ASP B 53 32.38 -17.92 0.35
C ASP B 53 32.49 -17.64 1.86
N GLY B 54 31.85 -16.59 2.35
CA GLY B 54 31.87 -16.16 3.73
C GLY B 54 32.98 -15.16 4.01
N VAL B 55 33.88 -14.94 3.03
CA VAL B 55 35.07 -14.09 3.23
C VAL B 55 35.16 -12.85 2.31
N HIS B 56 34.78 -13.00 1.05
CA HIS B 56 34.60 -11.85 0.12
C HIS B 56 33.17 -11.30 0.14
N TRP B 57 33.01 -10.07 0.60
CA TRP B 57 31.68 -9.50 0.81
C TRP B 57 31.37 -8.36 -0.22
N GLU B 58 30.11 -8.28 -0.67
CA GLU B 58 29.63 -7.16 -1.47
C GLU B 58 28.21 -6.69 -1.08
N ASN B 59 28.01 -5.39 -1.06
CA ASN B 59 26.66 -4.82 -0.77
C ASN B 59 25.73 -5.35 -1.82
N MET B 60 24.62 -6.00 -1.43
CA MET B 60 23.67 -6.65 -2.33
C MET B 60 22.38 -5.83 -2.39
N GLY B 61 21.93 -5.30 -1.25
CA GLY B 61 20.58 -4.79 -1.21
C GLY B 61 20.06 -4.32 0.14
N ARG B 62 18.75 -4.15 0.22
CA ARG B 62 18.08 -3.87 1.50
C ARG B 62 16.74 -4.57 1.58
N VAL B 63 16.21 -4.74 2.78
CA VAL B 63 15.02 -5.53 2.98
C VAL B 63 13.77 -4.76 2.55
N PHE B 64 13.64 -3.56 3.09
CA PHE B 64 12.49 -2.70 2.79
C PHE B 64 12.83 -1.58 1.81
N PRO B 65 12.12 -1.51 0.69
CA PRO B 65 12.25 -0.32 -0.16
C PRO B 65 11.92 0.96 0.62
N SER B 66 10.88 0.90 1.45
CA SER B 66 10.57 2.01 2.35
C SER B 66 10.04 1.43 3.68
N LEU B 67 10.12 2.25 4.72
CA LEU B 67 9.57 1.89 6.07
C LEU B 67 8.12 1.40 6.01
N PRO B 68 7.80 0.24 6.61
CA PRO B 68 6.39 -0.02 6.71
C PRO B 68 5.62 1.16 7.33
N ASP B 69 4.38 1.32 6.91
CA ASP B 69 3.58 2.43 7.39
C ASP B 69 3.23 2.39 8.85
N TRP B 70 2.99 1.21 9.38
CA TRP B 70 2.64 1.13 10.82
C TRP B 70 3.73 1.70 11.72
N CYS B 71 4.97 1.70 11.23
CA CYS B 71 6.11 2.07 12.08
C CYS B 71 5.96 3.45 12.67
N LYS B 72 5.46 4.39 11.87
CA LYS B 72 5.19 5.79 12.30
C LYS B 72 4.30 5.92 13.54
N GLN B 73 3.32 5.04 13.68
CA GLN B 73 2.45 5.03 14.89
C GLN B 73 3.22 4.78 16.19
N TYR B 74 4.18 3.84 16.14
CA TYR B 74 5.04 3.45 17.29
C TYR B 74 6.12 4.46 17.55
N VAL B 75 6.67 5.11 16.52
CA VAL B 75 7.83 6.01 16.67
C VAL B 75 7.61 7.30 15.83
N PRO B 76 6.71 8.15 16.31
CA PRO B 76 6.16 9.22 15.43
C PRO B 76 7.23 10.25 15.04
N GLU B 77 8.29 10.32 15.83
CA GLU B 77 9.35 11.26 15.58
C GLU B 77 10.32 10.76 14.56
N LYS B 78 10.28 9.47 14.18
CA LYS B 78 11.29 9.00 13.22
C LYS B 78 11.04 9.63 11.84
N ASP B 79 12.07 10.23 11.24
CA ASP B 79 11.91 10.83 9.93
C ASP B 79 12.90 10.36 8.88
N GLU B 80 13.62 9.27 9.14
CA GLU B 80 14.45 8.64 8.10
C GLU B 80 14.20 7.11 8.11
N ASP B 81 14.74 6.38 7.14
CA ASP B 81 14.35 4.97 6.99
C ASP B 81 15.39 3.96 7.56
N HIS B 82 16.34 4.44 8.34
CA HIS B 82 17.42 3.62 8.89
C HIS B 82 16.91 2.68 10.03
N LEU B 83 17.00 1.37 9.79
CA LEU B 83 16.46 0.39 10.69
C LEU B 83 17.65 -0.24 11.39
N TRP B 84 17.50 -0.63 12.66
CA TRP B 84 18.66 -1.04 13.41
C TRP B 84 18.68 -2.47 13.88
N ALA B 85 19.90 -3.01 13.93
CA ALA B 85 20.16 -4.25 14.63
C ALA B 85 19.26 -5.42 14.28
N PRO B 86 19.32 -5.85 13.03
CA PRO B 86 18.48 -6.97 12.62
C PRO B 86 18.92 -8.27 13.26
N ASP B 87 17.98 -9.21 13.39
CA ASP B 87 18.30 -10.59 13.78
C ASP B 87 17.60 -11.55 12.81
N ILE B 88 18.30 -12.62 12.42
CA ILE B 88 17.79 -13.56 11.49
C ILE B 88 17.73 -14.93 12.15
N CYS B 89 16.65 -15.65 11.87
CA CYS B 89 16.58 -17.02 12.13
C CYS B 89 15.64 -17.74 11.17
N PHE B 90 15.80 -19.05 11.15
CA PHE B 90 15.17 -19.92 10.14
C PHE B 90 14.41 -21.00 10.91
N TYR B 91 13.11 -21.06 10.75
CA TYR B 91 12.28 -21.98 11.54
C TYR B 91 11.11 -22.47 10.71
N ASN B 92 10.89 -23.78 10.67
CA ASN B 92 9.77 -24.34 9.86
C ASN B 92 9.74 -23.84 8.43
N GLY B 93 10.92 -23.78 7.83
CA GLY B 93 11.05 -23.43 6.43
C GLY B 93 10.84 -21.98 6.12
N ILE B 94 10.80 -21.12 7.16
CA ILE B 94 10.58 -19.70 7.00
C ILE B 94 11.70 -18.92 7.69
N TYR B 95 12.18 -17.88 7.01
CA TYR B 95 13.13 -16.88 7.55
C TYR B 95 12.34 -15.80 8.30
N TYR B 96 12.69 -15.65 9.57
CA TYR B 96 12.17 -14.61 10.42
C TYR B 96 13.27 -13.60 10.64
N LEU B 97 13.00 -12.35 10.27
CA LEU B 97 13.91 -11.25 10.39
C LEU B 97 13.29 -10.19 11.27
N TYR B 98 13.90 -10.04 12.44
CA TYR B 98 13.49 -8.98 13.40
C TYR B 98 14.32 -7.80 13.19
N TYR B 99 13.78 -6.61 13.48
CA TYR B 99 14.58 -5.39 13.36
C TYR B 99 13.98 -4.32 14.30
N SER B 100 14.72 -3.24 14.46
CA SER B 100 14.41 -2.16 15.43
C SER B 100 14.09 -0.83 14.71
N VAL B 101 13.01 -0.20 15.10
CA VAL B 101 12.70 1.12 14.70
C VAL B 101 12.82 2.00 15.95
N SER B 102 13.67 2.98 15.87
CA SER B 102 13.87 3.79 17.05
C SER B 102 14.45 5.10 16.64
N THR B 103 14.69 5.96 17.63
CA THR B 103 15.58 7.17 17.47
C THR B 103 16.65 7.22 18.58
N PHE B 104 17.79 7.79 18.25
CA PHE B 104 18.93 7.69 19.14
C PHE B 104 18.75 8.37 20.48
N GLY B 105 19.09 7.64 21.52
CA GLY B 105 19.00 8.14 22.90
C GLY B 105 17.61 8.13 23.54
N LYS B 106 16.62 7.56 22.85
CA LYS B 106 15.24 7.57 23.29
C LYS B 106 14.76 6.14 23.36
N ASN B 107 13.77 5.83 24.19
CA ASN B 107 13.24 4.45 24.23
C ASN B 107 11.82 4.37 23.72
N THR B 108 11.46 5.28 22.82
CA THR B 108 10.24 5.08 22.05
C THR B 108 10.69 4.26 20.87
N SER B 109 10.36 2.95 20.84
CA SER B 109 10.98 2.02 19.91
C SER B 109 10.06 0.87 19.69
N VAL B 110 10.23 0.17 18.59
CA VAL B 110 9.48 -1.03 18.31
C VAL B 110 10.35 -2.00 17.57
N ILE B 111 10.17 -3.26 17.87
CA ILE B 111 10.83 -4.35 17.12
C ILE B 111 9.84 -4.86 16.17
N GLY B 112 10.17 -4.85 14.87
CA GLY B 112 9.26 -5.39 13.88
C GLY B 112 9.70 -6.78 13.40
N LEU B 113 8.79 -7.43 12.71
CA LEU B 113 9.04 -8.73 12.06
C LEU B 113 8.64 -8.78 10.58
N ALA B 114 9.57 -9.31 9.77
CA ALA B 114 9.28 -9.62 8.37
C ALA B 114 9.70 -11.09 8.16
N THR B 115 8.95 -11.76 7.31
CA THR B 115 9.22 -13.15 6.93
C THR B 115 9.44 -13.35 5.45
N ASN B 116 10.18 -14.43 5.10
CA ASN B 116 10.45 -14.75 3.71
C ASN B 116 10.70 -16.22 3.59
N ARG B 117 10.24 -16.81 2.48
CA ARG B 117 10.60 -18.20 2.12
C ARG B 117 12.03 -18.34 1.67
N THR B 118 12.66 -17.23 1.26
CA THR B 118 14.10 -17.34 0.77
C THR B 118 14.78 -16.00 0.98
N LEU B 119 16.10 -15.98 1.18
CA LEU B 119 16.84 -14.71 1.33
C LEU B 119 17.34 -14.13 0.01
N ASP B 120 17.22 -14.89 -1.09
CA ASP B 120 17.73 -14.52 -2.42
C ASP B 120 16.74 -13.75 -3.26
N PRO B 121 17.00 -12.45 -3.53
CA PRO B 121 16.06 -11.61 -4.28
C PRO B 121 15.84 -12.00 -5.74
N ARG B 122 16.77 -12.76 -6.31
CA ARG B 122 16.61 -13.32 -7.64
C ARG B 122 15.58 -14.46 -7.69
N ASP B 123 15.24 -15.05 -6.53
CA ASP B 123 14.33 -16.18 -6.52
C ASP B 123 12.93 -15.65 -6.83
N PRO B 124 12.13 -16.40 -7.62
CA PRO B 124 10.78 -15.87 -7.92
C PRO B 124 9.86 -15.91 -6.69
N ASP B 125 10.33 -16.64 -5.69
CA ASP B 125 9.69 -16.92 -4.42
C ASP B 125 9.93 -15.74 -3.43
N TYR B 126 10.84 -14.86 -3.76
CA TYR B 126 11.30 -13.86 -2.79
C TYR B 126 10.31 -12.76 -2.50
N GLU B 127 9.94 -12.63 -1.24
CA GLU B 127 9.07 -11.54 -0.80
C GLU B 127 9.17 -11.49 0.71
N TRP B 128 9.64 -10.37 1.21
CA TRP B 128 9.61 -10.05 2.61
C TRP B 128 8.20 -9.60 3.01
N LYS B 129 7.49 -10.40 3.78
CA LYS B 129 6.18 -10.03 4.22
C LYS B 129 6.32 -9.26 5.53
N ASP B 130 5.63 -8.13 5.56
CA ASP B 130 5.60 -7.30 6.74
C ASP B 130 4.63 -7.95 7.71
N MET B 131 5.14 -8.47 8.82
CA MET B 131 4.29 -9.09 9.79
C MET B 131 4.04 -8.24 11.03
N GLY B 132 4.47 -6.99 10.95
CA GLY B 132 4.06 -6.00 11.87
C GLY B 132 4.84 -5.99 13.19
N PRO B 133 4.27 -5.35 14.19
CA PRO B 133 5.00 -5.21 15.45
C PRO B 133 5.10 -6.46 16.30
N VAL B 134 6.23 -6.57 16.95
CA VAL B 134 6.52 -7.72 17.83
C VAL B 134 6.40 -7.30 19.27
N ILE B 135 7.11 -6.24 19.65
CA ILE B 135 7.03 -5.75 21.02
C ILE B 135 7.51 -4.33 20.96
N HIS B 136 7.08 -3.49 21.89
CA HIS B 136 7.52 -2.13 21.86
C HIS B 136 7.69 -1.52 23.23
N SER B 137 8.31 -0.33 23.21
CA SER B 137 8.53 0.50 24.42
C SER B 137 8.15 1.99 24.19
N THR B 138 7.68 2.64 25.26
CA THR B 138 7.42 4.04 25.26
C THR B 138 8.11 4.65 26.45
N ALA B 139 7.97 5.96 26.58
CA ALA B 139 8.63 6.65 27.68
C ALA B 139 8.16 6.14 29.04
N SER B 140 6.99 5.52 29.15
CA SER B 140 6.55 5.03 30.46
C SER B 140 7.19 3.68 30.83
N ASP B 141 7.92 3.05 29.90
CA ASP B 141 8.63 1.81 30.22
C ASP B 141 10.05 2.04 30.70
N ASN B 142 10.56 1.12 31.52
CA ASN B 142 11.96 1.16 31.93
C ASN B 142 12.78 0.11 31.15
N TYR B 143 12.56 0.02 29.85
CA TYR B 143 13.41 -0.81 28.94
C TYR B 143 13.29 -0.20 27.58
N ASN B 144 14.15 -0.63 26.68
CA ASN B 144 14.10 -0.11 25.34
C ASN B 144 13.96 -1.27 24.33
N ALA B 145 12.88 -1.23 23.52
CA ALA B 145 12.63 -2.30 22.54
C ALA B 145 13.42 -2.15 21.26
N ILE B 146 14.70 -2.48 21.38
CA ILE B 146 15.61 -2.54 20.22
C ILE B 146 16.54 -3.67 20.45
N ASN B 147 17.26 -4.02 19.39
CA ASN B 147 18.30 -5.09 19.42
C ASN B 147 17.73 -6.50 19.69
N PRO B 148 16.84 -6.96 18.81
CA PRO B 148 16.24 -8.29 19.04
C PRO B 148 17.28 -9.37 18.82
N ASN B 149 17.08 -10.47 19.55
CA ASN B 149 17.69 -11.76 19.27
C ASN B 149 16.76 -12.91 19.62
N VAL B 150 16.64 -13.87 18.72
CA VAL B 150 15.86 -15.08 18.98
C VAL B 150 16.75 -16.28 19.23
N VAL B 151 16.49 -16.96 20.30
CA VAL B 151 17.10 -18.28 20.57
C VAL B 151 15.98 -19.34 20.81
N PHE B 152 16.28 -20.62 20.53
CA PHE B 152 15.39 -21.68 20.85
C PHE B 152 16.05 -22.41 21.97
N ASP B 153 15.34 -22.66 23.05
CA ASP B 153 15.92 -23.37 24.18
C ASP B 153 15.99 -24.89 23.87
N GLN B 154 16.43 -25.69 24.84
CA GLN B 154 16.66 -27.15 24.62
C GLN B 154 15.37 -27.94 24.49
N GLU B 155 14.29 -27.32 24.89
CA GLU B 155 12.98 -27.88 24.78
C GLU B 155 12.22 -27.31 23.55
N GLY B 156 12.94 -26.72 22.60
CA GLY B 156 12.36 -26.27 21.31
C GLY B 156 11.48 -25.03 21.36
N GLN B 157 11.58 -24.31 22.47
CA GLN B 157 10.77 -23.11 22.74
C GLN B 157 11.53 -21.83 22.32
N PRO B 158 10.92 -21.02 21.45
CA PRO B 158 11.62 -19.81 21.02
C PRO B 158 11.45 -18.73 22.06
N TRP B 159 12.51 -17.92 22.20
CA TRP B 159 12.60 -16.80 23.13
C TRP B 159 13.19 -15.56 22.45
N LEU B 160 12.70 -14.41 22.84
CA LEU B 160 13.23 -13.19 22.29
C LEU B 160 13.94 -12.50 23.42
N SER B 161 15.20 -12.19 23.23
CA SER B 161 15.92 -11.20 24.10
C SER B 161 16.11 -9.91 23.38
N PHE B 162 16.23 -8.81 24.12
CA PHE B 162 16.48 -7.54 23.48
C PHE B 162 16.91 -6.56 24.52
N GLY B 163 17.22 -5.34 24.10
CA GLY B 163 17.42 -4.26 25.08
C GLY B 163 18.60 -3.40 24.82
N SER B 164 18.59 -2.27 25.50
CA SER B 164 19.64 -1.30 25.44
C SER B 164 19.35 -0.24 26.53
N PHE B 165 20.24 -0.09 27.50
CA PHE B 165 20.12 0.87 28.60
C PHE B 165 18.83 0.74 29.37
N TRP B 166 18.44 1.79 30.08
CA TRP B 166 17.30 1.62 31.01
C TRP B 166 17.52 0.44 31.98
N SER B 167 16.56 -0.44 32.21
CA SER B 167 16.72 -1.50 33.18
C SER B 167 17.62 -2.63 32.65
N GLY B 168 17.96 -2.60 31.35
CA GLY B 168 18.95 -3.56 30.79
C GLY B 168 18.34 -4.55 29.83
N ILE B 169 18.87 -5.78 29.85
CA ILE B 169 18.50 -6.80 28.88
C ILE B 169 17.19 -7.48 29.29
N GLN B 170 16.27 -7.56 28.34
CA GLN B 170 14.99 -8.24 28.56
C GLN B 170 14.93 -9.57 27.91
N LEU B 171 13.98 -10.35 28.34
CA LEU B 171 13.71 -11.65 27.75
C LEU B 171 12.22 -11.93 27.82
N ILE B 172 11.70 -12.51 26.75
CA ILE B 172 10.31 -12.91 26.73
C ILE B 172 10.11 -14.12 25.79
N GLN B 173 9.21 -14.99 26.20
CA GLN B 173 8.92 -16.18 25.48
C GLN B 173 8.04 -15.86 24.26
N LEU B 174 8.37 -16.50 23.16
CA LEU B 174 7.59 -16.38 21.94
C LEU B 174 6.68 -17.61 21.73
N ASP B 175 5.63 -17.38 20.97
CA ASP B 175 4.74 -18.44 20.50
C ASP B 175 5.31 -19.00 19.22
N THR B 176 5.35 -20.33 19.10
CA THR B 176 5.92 -20.96 17.91
C THR B 176 5.16 -20.71 16.60
N GLU B 177 3.88 -20.37 16.67
CA GLU B 177 3.08 -20.09 15.45
C GLU B 177 3.32 -18.66 14.94
N THR B 178 3.21 -17.70 15.85
CA THR B 178 3.30 -16.30 15.47
C THR B 178 4.75 -15.77 15.48
N MET B 179 5.61 -16.41 16.27
CA MET B 179 7.01 -15.95 16.51
C MET B 179 6.99 -14.53 17.06
N LYS B 180 5.92 -14.21 17.81
CA LYS B 180 5.74 -13.00 18.60
C LYS B 180 5.44 -13.47 20.03
N PRO B 181 5.54 -12.59 21.05
CA PRO B 181 5.39 -12.98 22.43
C PRO B 181 4.12 -13.82 22.72
N ALA B 182 4.24 -14.87 23.50
CA ALA B 182 3.11 -15.74 23.81
C ALA B 182 2.11 -14.96 24.64
N ALA B 183 0.83 -15.30 24.46
CA ALA B 183 -0.30 -14.48 24.92
C ALA B 183 -0.13 -13.65 26.23
N GLN B 184 0.03 -14.39 27.34
CA GLN B 184 0.19 -13.79 28.65
C GLN B 184 1.65 -13.81 29.05
N ALA B 185 2.58 -13.90 28.09
CA ALA B 185 4.00 -13.93 28.48
C ALA B 185 4.41 -12.64 29.17
N GLU B 186 5.29 -12.74 30.15
CA GLU B 186 5.87 -11.56 30.81
C GLU B 186 7.33 -11.35 30.41
N LEU B 187 7.75 -10.12 30.62
CA LEU B 187 9.08 -9.66 30.33
C LEU B 187 9.93 -9.86 31.59
N LEU B 188 11.04 -10.55 31.44
CA LEU B 188 12.04 -10.63 32.50
C LEU B 188 13.27 -9.84 32.14
N THR B 189 13.88 -9.18 33.12
CA THR B 189 15.19 -8.58 32.92
C THR B 189 16.23 -9.62 33.37
N ILE B 190 17.20 -9.91 32.50
CA ILE B 190 18.18 -10.96 32.75
C ILE B 190 19.58 -10.41 32.78
N ALA B 191 19.76 -9.12 32.54
CA ALA B 191 21.09 -8.57 32.76
C ALA B 191 21.08 -7.10 32.89
N SER B 192 22.02 -6.61 33.68
CA SER B 192 22.08 -5.15 34.03
C SER B 192 23.41 -4.82 34.66
N ARG B 193 23.91 -3.62 34.40
CA ARG B 193 25.16 -3.16 35.06
C ARG B 193 24.82 -2.66 36.48
N GLY B 194 23.54 -2.43 36.75
CA GLY B 194 23.11 -1.80 38.01
C GLY B 194 23.55 -0.34 38.15
N GLU B 195 23.85 0.33 37.03
CA GLU B 195 24.49 1.68 36.97
C GLU B 195 23.64 2.64 36.15
N GLU B 196 23.92 3.93 36.32
CA GLU B 196 23.23 5.02 35.64
C GLU B 196 24.28 5.89 34.96
N PRO B 197 24.31 5.96 33.63
CA PRO B 197 23.50 5.18 32.72
C PRO B 197 23.91 3.67 32.76
N ASN B 198 22.99 2.80 32.38
CA ASN B 198 23.19 1.34 32.41
C ASN B 198 23.58 0.85 31.05
N ALA B 199 24.85 0.99 30.78
CA ALA B 199 25.44 0.73 29.46
C ALA B 199 25.68 -0.74 29.14
N ILE B 200 24.60 -1.40 28.79
CA ILE B 200 24.56 -2.81 28.44
C ILE B 200 23.47 -2.94 27.34
N GLU B 201 23.81 -3.64 26.28
CA GLU B 201 22.84 -3.77 25.19
C GLU B 201 23.20 -4.94 24.30
N ALA B 202 22.38 -5.13 23.28
CA ALA B 202 22.70 -6.03 22.16
C ALA B 202 22.93 -7.49 22.64
N PRO B 203 21.91 -8.05 23.28
CA PRO B 203 22.06 -9.44 23.75
C PRO B 203 22.09 -10.42 22.62
N PHE B 204 22.83 -11.51 22.79
CA PHE B 204 22.80 -12.60 21.89
C PHE B 204 22.96 -13.87 22.69
N ILE B 205 21.98 -14.74 22.61
CA ILE B 205 22.01 -15.91 23.43
C ILE B 205 22.21 -17.15 22.58
N VAL B 206 23.12 -18.03 23.00
CA VAL B 206 23.26 -19.36 22.38
C VAL B 206 23.25 -20.44 23.45
N CYS B 207 22.88 -21.66 23.04
CA CYS B 207 22.86 -22.81 23.94
C CYS B 207 24.06 -23.74 23.58
N ARG B 208 24.95 -24.05 24.53
CA ARG B 208 26.08 -24.89 24.22
C ARG B 208 26.55 -25.58 25.50
N ASN B 209 26.84 -26.85 25.32
CA ASN B 209 27.37 -27.69 26.39
C ASN B 209 26.59 -27.63 27.71
N GLY B 210 25.27 -27.58 27.57
CA GLY B 210 24.36 -27.64 28.73
C GLY B 210 24.11 -26.28 29.39
N TYR B 211 24.69 -25.21 28.84
CA TYR B 211 24.46 -23.84 29.35
C TYR B 211 23.81 -22.90 28.28
N TYR B 212 23.12 -21.89 28.75
CA TYR B 212 22.79 -20.71 27.91
C TYR B 212 23.91 -19.66 28.10
N TYR B 213 24.45 -19.13 26.99
CA TYR B 213 25.47 -18.15 27.05
C TYR B 213 24.82 -16.86 26.60
N LEU B 214 24.88 -15.87 27.45
CA LEU B 214 24.42 -14.54 27.14
C LEU B 214 25.60 -13.62 26.82
N PHE B 215 25.72 -13.29 25.52
CA PHE B 215 26.69 -12.37 25.03
C PHE B 215 26.04 -11.00 25.01
N VAL B 216 26.77 -9.98 25.45
CA VAL B 216 26.25 -8.57 25.48
C VAL B 216 27.41 -7.60 25.14
N SER B 217 27.02 -6.38 24.84
CA SER B 217 27.91 -5.24 24.63
C SER B 217 27.76 -4.27 25.78
N PHE B 218 28.92 -3.88 26.35
CA PHE B 218 29.01 -2.96 27.50
C PHE B 218 29.55 -1.65 26.98
N ASP B 219 29.17 -0.57 27.66
CA ASP B 219 29.71 0.77 27.37
C ASP B 219 29.16 1.32 26.05
N PHE B 220 29.91 2.20 25.38
CA PHE B 220 29.29 3.13 24.41
C PHE B 220 29.71 2.83 22.99
N CYS B 221 28.71 2.52 22.16
CA CYS B 221 28.91 2.43 20.73
C CYS B 221 28.97 3.81 20.11
N CYS B 222 29.08 3.82 18.78
CA CYS B 222 28.53 4.86 17.93
C CYS B 222 29.23 6.21 18.08
N ARG B 223 30.50 6.18 18.42
CA ARG B 223 31.33 7.36 18.57
C ARG B 223 32.66 7.17 17.85
N GLY B 224 32.69 6.31 16.84
CA GLY B 224 33.87 6.09 16.06
C GLY B 224 35.07 5.75 16.96
N ILE B 225 36.20 6.44 16.74
CA ILE B 225 37.39 6.18 17.58
C ILE B 225 37.25 6.45 19.08
N GLU B 226 36.18 7.13 19.53
CA GLU B 226 35.95 7.35 20.96
C GLU B 226 35.00 6.31 21.59
N SER B 227 34.61 5.30 20.80
CA SER B 227 33.74 4.26 21.30
C SER B 227 34.47 3.49 22.35
N THR B 228 33.77 3.18 23.41
CA THR B 228 34.30 2.34 24.50
C THR B 228 33.65 0.92 24.56
N TYR B 229 32.93 0.58 23.49
CA TYR B 229 32.22 -0.72 23.35
C TYR B 229 33.14 -1.88 23.74
N LYS B 230 32.61 -2.86 24.52
CA LYS B 230 33.24 -4.14 24.69
C LYS B 230 32.23 -5.27 24.68
N ILE B 231 32.70 -6.46 24.32
CA ILE B 231 31.98 -7.68 24.32
C ILE B 231 32.17 -8.52 25.63
N ALA B 232 31.08 -8.85 26.31
CA ALA B 232 31.12 -9.58 27.55
C ALA B 232 30.15 -10.76 27.48
N VAL B 233 30.37 -11.76 28.35
CA VAL B 233 29.63 -12.96 28.34
C VAL B 233 29.40 -13.52 29.73
N GLY B 234 28.29 -14.22 29.90
CA GLY B 234 28.01 -15.05 31.07
C GLY B 234 27.15 -16.19 30.67
N ARG B 235 26.84 -17.00 31.66
CA ARG B 235 26.08 -18.20 31.36
C ARG B 235 25.21 -18.62 32.53
N SER B 236 24.22 -19.43 32.18
CA SER B 236 23.16 -19.91 33.09
C SER B 236 22.75 -21.31 32.67
N LYS B 237 22.39 -22.15 33.62
CA LYS B 237 21.80 -23.46 33.29
C LYS B 237 20.38 -23.27 32.81
N ASP B 238 19.73 -22.15 33.14
CA ASP B 238 18.37 -21.90 32.69
C ASP B 238 18.35 -20.67 31.81
N ILE B 239 17.52 -20.70 30.77
CA ILE B 239 17.47 -19.54 29.82
C ILE B 239 17.03 -18.29 30.55
N THR B 240 16.31 -18.44 31.67
CA THR B 240 15.79 -17.27 32.40
C THR B 240 16.78 -16.76 33.46
N GLY B 241 17.95 -17.37 33.61
CA GLY B 241 18.91 -16.90 34.60
C GLY B 241 18.95 -17.81 35.85
N PRO B 242 19.80 -17.47 36.82
CA PRO B 242 20.63 -16.27 36.72
C PRO B 242 21.90 -16.51 35.85
N TYR B 243 22.25 -15.51 35.03
CA TYR B 243 23.47 -15.55 34.27
C TYR B 243 24.63 -15.06 35.12
N VAL B 244 25.76 -15.81 35.13
CA VAL B 244 26.96 -15.36 35.90
C VAL B 244 28.21 -15.48 35.01
N ASP B 245 29.23 -14.67 35.30
CA ASP B 245 30.42 -14.67 34.50
C ASP B 245 31.39 -15.68 35.07
N LYS B 246 32.56 -15.77 34.47
CA LYS B 246 33.56 -16.79 34.78
C LYS B 246 34.07 -16.64 36.26
N ASN B 247 34.04 -15.41 36.78
CA ASN B 247 34.22 -15.19 38.22
C ASN B 247 33.05 -15.46 39.15
N GLY B 248 31.92 -15.94 38.63
CA GLY B 248 30.72 -16.19 39.46
C GLY B 248 29.88 -14.95 39.69
N VAL B 249 30.19 -13.82 39.04
CA VAL B 249 29.46 -12.61 39.31
C VAL B 249 28.21 -12.49 38.43
N SER B 250 27.08 -12.28 39.07
CA SER B 250 25.80 -12.13 38.43
C SER B 250 25.76 -11.03 37.35
N MET B 251 25.17 -11.37 36.21
CA MET B 251 25.03 -10.39 35.17
C MET B 251 23.90 -9.45 35.49
N MET B 252 23.18 -9.66 36.60
CA MET B 252 22.18 -8.65 37.02
C MET B 252 22.85 -7.59 37.88
N GLN B 253 24.18 -7.74 38.11
CA GLN B 253 24.96 -6.85 38.97
C GLN B 253 26.30 -6.52 38.33
N GLY B 254 26.34 -6.30 37.02
CA GLY B 254 27.58 -5.91 36.35
C GLY B 254 28.54 -7.06 35.97
N GLY B 255 28.17 -8.29 36.31
CA GLY B 255 28.89 -9.47 35.83
C GLY B 255 28.97 -9.55 34.35
N GLY B 256 30.08 -10.07 33.88
CA GLY B 256 30.33 -10.32 32.47
C GLY B 256 31.82 -10.44 32.24
N THR B 257 32.20 -11.55 31.65
CA THR B 257 33.56 -11.75 31.34
C THR B 257 33.87 -11.11 29.98
N ILE B 258 34.86 -10.25 29.96
CA ILE B 258 35.23 -9.51 28.79
C ILE B 258 35.94 -10.41 27.75
N LEU B 259 35.36 -10.46 26.57
CA LEU B 259 35.83 -11.36 25.51
C LEU B 259 36.69 -10.56 24.54
N ASP B 260 36.34 -9.29 24.38
CA ASP B 260 37.11 -8.40 23.53
C ASP B 260 36.81 -6.96 23.94
N ALA B 261 37.87 -6.22 24.15
CA ALA B 261 37.79 -4.77 24.46
C ALA B 261 38.43 -3.94 23.36
N GLY B 262 38.90 -4.62 22.32
CA GLY B 262 39.47 -3.98 21.13
C GLY B 262 40.96 -3.83 21.23
N ASN B 263 41.57 -3.29 20.18
CA ASN B 263 43.04 -3.10 20.16
C ASN B 263 43.38 -1.73 19.51
N ASP B 264 44.63 -1.46 19.13
CA ASP B 264 44.99 -0.09 18.66
C ASP B 264 44.24 0.25 17.36
N ARG B 265 43.94 -0.76 16.56
CA ARG B 265 43.20 -0.51 15.31
C ARG B 265 41.69 -0.64 15.45
N TRP B 266 41.26 -1.74 16.06
CA TRP B 266 39.85 -2.06 16.12
C TRP B 266 39.32 -1.57 17.44
N ILE B 267 38.68 -0.40 17.37
CA ILE B 267 38.20 0.24 18.58
C ILE B 267 36.80 -0.16 18.88
N GLY B 268 36.48 -0.42 20.13
CA GLY B 268 35.07 -0.57 20.47
C GLY B 268 34.32 -1.71 19.76
N PRO B 269 34.90 -2.90 19.77
CA PRO B 269 34.14 -4.07 19.20
C PRO B 269 32.82 -4.29 19.95
N GLY B 270 31.77 -4.55 19.22
CA GLY B 270 30.48 -4.86 19.88
C GLY B 270 29.39 -5.29 18.93
N HIS B 271 28.24 -5.45 19.48
CA HIS B 271 27.07 -5.92 18.83
C HIS B 271 27.36 -7.24 18.17
N CYS B 272 27.55 -8.26 18.99
CA CYS B 272 28.06 -9.49 18.43
C CYS B 272 26.98 -10.56 18.18
N ALA B 273 27.35 -11.60 17.43
CA ALA B 273 26.50 -12.68 17.09
C ALA B 273 27.45 -13.90 17.06
N VAL B 274 26.93 -15.06 17.46
CA VAL B 274 27.69 -16.29 17.61
C VAL B 274 26.96 -17.43 16.89
N TYR B 275 27.69 -18.12 16.06
CA TYR B 275 27.15 -19.24 15.26
C TYR B 275 28.05 -20.41 15.29
N PHE B 276 27.41 -21.57 15.09
CA PHE B 276 28.06 -22.88 15.26
C PHE B 276 27.89 -23.61 13.98
N SER B 277 28.87 -24.45 13.66
CA SER B 277 28.77 -25.33 12.54
C SER B 277 29.56 -26.56 12.89
N GLY B 278 28.86 -27.68 13.06
CA GLY B 278 29.47 -28.90 13.63
C GLY B 278 30.02 -28.61 15.01
N VAL B 279 31.33 -28.76 15.18
CA VAL B 279 31.95 -28.38 16.44
C VAL B 279 32.74 -27.07 16.31
N SER B 280 32.59 -26.34 15.20
CA SER B 280 33.31 -25.07 15.00
C SER B 280 32.38 -23.91 15.32
N ALA B 281 32.94 -22.75 15.53
CA ALA B 281 32.16 -21.54 15.87
C ALA B 281 32.82 -20.27 15.37
N ILE B 282 31.99 -19.25 15.12
CA ILE B 282 32.46 -17.89 14.85
C ILE B 282 31.81 -16.87 15.72
N LEU B 283 32.59 -15.84 16.02
CA LEU B 283 32.05 -14.58 16.57
C LEU B 283 31.96 -13.57 15.43
N VAL B 284 30.80 -12.93 15.31
CA VAL B 284 30.59 -11.87 14.36
C VAL B 284 30.29 -10.59 15.14
N ASN B 285 30.87 -9.48 14.72
CA ASN B 285 30.62 -8.19 15.36
C ASN B 285 31.02 -7.04 14.45
N HIS B 286 30.85 -5.80 14.93
CA HIS B 286 31.54 -4.71 14.24
C HIS B 286 32.56 -4.10 15.18
N ALA B 287 33.51 -3.40 14.59
CA ALA B 287 34.44 -2.53 15.30
C ALA B 287 34.78 -1.26 14.49
N TYR B 288 35.21 -0.25 15.22
CA TYR B 288 35.50 1.07 14.67
C TYR B 288 36.95 1.16 14.20
N ASP B 289 37.15 1.39 12.92
CA ASP B 289 38.52 1.29 12.34
C ASP B 289 39.34 2.58 12.58
N ALA B 290 40.31 2.54 13.51
CA ALA B 290 41.17 3.75 13.79
C ALA B 290 41.91 4.24 12.57
N LEU B 291 42.18 3.36 11.61
CA LEU B 291 42.82 3.77 10.35
C LEU B 291 41.91 4.34 9.27
N LYS B 292 40.59 4.34 9.51
CA LYS B 292 39.62 4.87 8.53
C LYS B 292 38.49 5.67 9.21
N ASN B 293 38.90 6.68 9.99
CA ASN B 293 38.03 7.66 10.65
C ASN B 293 36.93 7.02 11.55
N GLY B 294 37.32 5.95 12.25
CA GLY B 294 36.41 5.14 13.05
C GLY B 294 35.22 4.53 12.34
N GLU B 295 35.29 4.29 11.04
CA GLU B 295 34.19 3.65 10.34
C GLU B 295 33.91 2.24 10.92
N PRO B 296 32.66 1.98 11.32
CA PRO B 296 32.29 0.62 11.77
C PRO B 296 32.49 -0.44 10.68
N THR B 297 33.19 -1.49 11.05
CA THR B 297 33.64 -2.50 10.12
C THR B 297 33.28 -3.88 10.57
N LEU B 298 32.86 -4.71 9.60
CA LEU B 298 32.53 -6.07 9.83
C LEU B 298 33.70 -6.90 10.28
N GLN B 299 33.56 -7.61 11.41
CA GLN B 299 34.52 -8.66 11.83
C GLN B 299 33.90 -10.01 11.95
N ILE B 300 34.60 -11.02 11.43
CA ILE B 300 34.26 -12.40 11.60
C ILE B 300 35.52 -13.18 12.01
N ARG B 301 35.47 -13.81 13.19
CA ARG B 301 36.63 -14.50 13.74
C ARG B 301 36.22 -15.85 14.25
N PRO B 302 37.10 -16.89 14.12
CA PRO B 302 36.83 -18.16 14.82
C PRO B 302 36.71 -17.96 16.31
N LEU B 303 35.75 -18.65 16.94
CA LEU B 303 35.54 -18.51 18.38
C LEU B 303 35.77 -19.85 18.97
N TYR B 304 36.64 -19.92 19.98
CA TYR B 304 37.05 -21.21 20.52
C TYR B 304 36.40 -21.36 21.91
N TRP B 305 36.42 -22.56 22.47
CA TRP B 305 35.79 -22.83 23.76
C TRP B 305 36.77 -23.61 24.61
N ASP B 306 36.99 -23.19 25.83
CA ASP B 306 37.97 -23.87 26.67
C ASP B 306 37.35 -25.06 27.40
N ASP B 307 38.20 -25.71 28.18
CA ASP B 307 37.80 -26.95 28.88
C ASP B 307 36.70 -26.73 29.86
N GLU B 308 36.61 -25.53 30.40
CA GLU B 308 35.56 -25.20 31.37
C GLU B 308 34.25 -24.73 30.64
N GLY B 309 34.25 -24.73 29.32
CA GLY B 309 33.09 -24.30 28.54
C GLY B 309 33.00 -22.83 28.17
N TRP B 310 34.00 -22.01 28.54
CA TRP B 310 34.03 -20.58 28.27
C TRP B 310 34.66 -20.26 26.93
N PRO B 311 34.02 -19.36 26.20
CA PRO B 311 34.53 -18.98 24.90
C PRO B 311 35.74 -18.05 25.00
N TYR B 312 36.60 -18.05 23.98
CA TYR B 312 37.72 -17.11 23.91
C TYR B 312 38.10 -16.91 22.46
N LEU B 313 38.71 -15.78 22.21
CA LEU B 313 39.34 -15.46 20.97
C LEU B 313 40.85 -15.59 21.12
N LEU B 314 41.56 -15.90 20.04
CA LEU B 314 43.02 -15.75 19.96
C LEU B 314 43.40 -14.33 19.34
N GLU B 315 44.63 -13.83 19.35
CA GLU B 315 45.13 -12.78 18.29
C GLU B 315 44.97 -13.09 16.66
N HIS B 316 45.34 -12.21 15.64
CA HIS B 316 45.86 -12.74 14.20
C HIS B 316 46.43 -11.84 13.00
N HIS B 317 47.49 -12.29 12.26
CA HIS B 317 48.14 -11.51 11.09
C HIS B 317 47.97 -12.01 9.62
N HIS B 318 47.81 -11.06 8.70
CA HIS B 318 47.51 -11.28 7.28
C HIS B 318 48.76 -11.67 6.45
N HIS B 319 48.52 -12.50 5.46
CA HIS B 319 49.56 -12.97 4.55
C HIS B 319 49.45 -12.30 3.13
O5 AHR C . -9.23 23.14 -24.92
C5 AHR C . -10.11 22.47 -25.83
C4 AHR C . -9.31 21.58 -26.86
O4 AHR C . -7.99 22.10 -27.18
C3 AHR C . -10.00 21.62 -28.27
O3 AHR C . -11.18 20.86 -28.46
C2 AHR C . -8.84 21.03 -29.06
O2 AHR C . -9.05 21.07 -30.52
C1 AHR C . -7.79 22.02 -28.63
O1 AHR C . -6.53 21.47 -29.13
O5 AHR C . -11.71 21.79 -21.37
C5 AHR C . -12.42 23.03 -21.48
C4 AHR C . -11.65 24.20 -22.22
O4 AHR C . -11.33 23.89 -23.60
C3 AHR C . -10.32 24.59 -21.59
O3 AHR C . -10.39 25.95 -21.09
C2 AHR C . -9.30 24.50 -22.78
O2 AHR C . -7.94 24.16 -22.33
C1 AHR C . -9.95 23.38 -23.60
O5 AHR C . -14.98 18.67 -19.06
C5 AHR C . -14.32 19.79 -18.48
C4 AHR C . -13.21 20.32 -19.40
O4 AHR C . -13.68 20.70 -20.71
C3 AHR C . -12.16 19.24 -19.67
O3 AHR C . -11.01 19.46 -18.80
C2 AHR C . -11.71 19.49 -21.14
O2 AHR C . -11.87 18.39 -22.05
C1 AHR C . -12.53 20.64 -21.60
O5 AHR C . -15.76 19.08 -13.81
C5 AHR C . -16.19 17.78 -14.29
C4 AHR C . -15.68 17.65 -15.73
O4 AHR C . -16.09 18.73 -16.52
C3 AHR C . -16.27 16.51 -16.51
O3 AHR C . -15.56 15.31 -16.26
C2 AHR C . -15.89 16.82 -17.95
O2 AHR C . -16.72 16.27 -18.86
C1 AHR C . -16.02 18.28 -18.03
O5 AHR C . -14.35 18.95 -7.79
C5 AHR C . -13.81 18.59 -9.08
C4 AHR C . -14.40 19.45 -10.23
O4 AHR C . -15.46 18.98 -11.23
C3 AHR C . -13.22 19.78 -11.18
O3 AHR C . -12.26 20.73 -10.62
C2 AHR C . -14.01 20.34 -12.37
O2 AHR C . -13.13 20.70 -13.37
C1 AHR C . -14.86 19.04 -12.63
O5 AHR C . -18.06 22.88 -8.04
C5 AHR C . -17.06 22.94 -6.97
C4 AHR C . -16.05 21.76 -7.03
O4 AHR C . -16.34 20.67 -7.98
C3 AHR C . -15.98 21.00 -5.65
O3 AHR C . -14.84 21.49 -4.84
C2 AHR C . -15.81 19.45 -5.95
O2 AHR C . -16.91 18.63 -5.49
C1 AHR C . -15.70 19.34 -7.47
O5 AHR D . 20.51 7.55 28.74
C5 AHR D . 20.02 6.22 28.58
C4 AHR D . 19.15 5.94 29.79
O4 AHR D . 18.43 7.20 30.11
C3 AHR D . 20.00 5.59 31.02
O3 AHR D . 20.18 4.13 31.31
C2 AHR D . 19.24 6.35 32.18
O2 AHR D . 20.22 7.23 32.94
C1 AHR D . 18.14 7.18 31.52
O1 AHR D . 16.81 6.60 31.80
O5 AHR D . 21.11 5.74 24.25
C5 AHR D . 22.43 6.22 24.56
C4 AHR D . 22.26 6.93 25.91
O4 AHR D . 20.86 7.14 26.31
C3 AHR D . 22.79 8.35 25.97
O3 AHR D . 24.17 8.32 25.91
C2 AHR D . 22.29 8.69 27.41
O2 AHR D . 22.13 10.11 27.67
C1 AHR D . 20.87 8.11 27.41
O5 AHR D . 21.86 2.63 19.94
C5 AHR D . 22.25 2.75 21.22
C4 AHR D . 21.58 4.07 21.74
O4 AHR D . 22.08 3.91 23.11
C3 AHR D . 20.09 3.84 21.88
O3 AHR D . 19.34 4.90 21.13
C2 AHR D . 19.76 4.01 23.39
O2 AHR D . 19.25 2.90 24.09
C1 AHR D . 21.08 4.35 24.02
O5 AHR D . 23.60 2.35 15.55
C5 AHR D . 23.04 1.05 15.74
C4 AHR D . 22.07 1.15 16.92
O4 AHR D . 22.59 2.20 17.77
C3 AHR D . 22.00 -0.14 17.72
O3 AHR D . 20.64 -0.69 17.79
C2 AHR D . 22.49 0.17 19.12
O2 AHR D . 23.75 -0.65 19.32
C1 AHR D . 22.77 1.72 19.09
O5 AHR D . 22.02 3.83 10.14
C5 AHR D . 21.32 4.03 11.45
C4 AHR D . 22.26 4.47 12.62
O4 AHR D . 23.23 3.42 13.10
C3 AHR D . 21.54 4.90 14.02
O3 AHR D . 21.27 6.30 14.29
C2 AHR D . 22.68 4.57 14.89
O2 AHR D . 22.47 4.75 16.23
C1 AHR D . 22.81 3.12 14.51
O5 AHR D . 24.22 7.64 11.71
C5 AHR D . 24.87 7.46 10.43
C4 AHR D . 23.76 7.01 9.49
O4 AHR D . 22.76 6.16 10.17
C3 AHR D . 24.31 6.15 8.32
O3 AHR D . 24.00 6.85 7.08
C2 AHR D . 23.58 4.75 8.42
O2 AHR D . 24.37 3.57 8.10
C1 AHR D . 23.15 4.72 9.91
CA CA E . -21.28 10.24 -17.81
CA CA F . 21.85 -8.24 18.06
#